data_8Q8K
#
_entry.id   8Q8K
#
_cell.length_a   107.237
_cell.length_b   85.696
_cell.length_c   139.064
_cell.angle_alpha   90.000
_cell.angle_beta   95.960
_cell.angle_gamma   90.000
#
_symmetry.space_group_name_H-M   'I 1 2 1'
#
loop_
_entity.id
_entity.type
_entity.pdbx_description
1 polymer 'Importin subunit alpha-1'
2 polymer 'Large T antigen'
#
loop_
_entity_poly.entity_id
_entity_poly.type
_entity_poly.pdbx_seq_one_letter_code
_entity_poly.pdbx_strand_id
1 'polypeptide(L)'
;MHHHHHHSSGLVPRGSGMLETAAALFERNHMDSPDLGTDDDDLAMADIGSNQGTVNWSVEDIVKGINSNNLESQLQATQA
ARKLLSREKQPPIDNIIRAGLIPKFVSFLGKTDCSPIQFESAWALTNIASGTSEQTKAVVDGGAIPAFISLLASPHAHIS
EQAVWALGNIAGDGSAFRDLVIKHGAIDPLLALLAVPDLSTLACGYLRNLTWTLSNLCRNKNPAPPLDAVEQILPTLVRL
LHHNDPEVLADSCWAISYLTDGPNERIEMVVKKGVVPQLVKLLGATELPIVTPALRAIGNIVTGTDEQTQKVIDAGALAV
FPSLLTNPKTNIQKEATWTMSNITAGRQDQIQQVVNHGLVPFLVGVLSKADFKTQKEAAWAITNYTSGGTVEQIVYLVHC
GIIEPLMNLLSAKDTKIIQVILDAISNIFQAAEKLGETEKLSIMIEECGGLDKIEALQRHENESVYKASLNLIEKYFSVE
EEEDQNVVPETTSEGFAFQVQDGAPGTFNF
;
A,B
2 'polypeptide(L)' KRSAPEEEPSCSQATPPKKKHA C,D
#
# COMPACT_ATOMS: atom_id res chain seq x y z
N ASN A 56 2.53 -10.77 -10.03
CA ASN A 56 3.55 -11.15 -9.06
C ASN A 56 3.26 -12.55 -8.50
N TRP A 57 2.27 -12.63 -7.62
CA TRP A 57 1.89 -13.88 -6.98
C TRP A 57 0.52 -14.33 -7.48
N SER A 58 0.40 -15.63 -7.73
CA SER A 58 -0.87 -16.24 -8.08
C SER A 58 -1.57 -16.73 -6.80
N VAL A 59 -2.89 -16.94 -6.91
CA VAL A 59 -3.65 -17.43 -5.77
C VAL A 59 -3.07 -18.77 -5.30
N GLU A 60 -2.59 -19.59 -6.23
CA GLU A 60 -2.01 -20.88 -5.85
C GLU A 60 -0.71 -20.68 -5.08
N ASP A 61 0.14 -19.75 -5.51
CA ASP A 61 1.37 -19.49 -4.79
C ASP A 61 1.09 -18.97 -3.39
N ILE A 62 0.13 -18.05 -3.27
CA ILE A 62 -0.23 -17.52 -1.95
C ILE A 62 -0.77 -18.64 -1.07
N VAL A 63 -1.61 -19.51 -1.63
CA VAL A 63 -2.15 -20.62 -0.86
C VAL A 63 -1.02 -21.52 -0.38
N LYS A 64 -0.06 -21.82 -1.26
CA LYS A 64 1.04 -22.69 -0.87
C LYS A 64 1.88 -22.06 0.22
N GLY A 65 2.17 -20.77 0.11
CA GLY A 65 2.94 -20.09 1.14
C GLY A 65 2.21 -20.05 2.47
N ILE A 66 0.90 -19.78 2.44
CA ILE A 66 0.12 -19.71 3.66
C ILE A 66 -0.19 -21.09 4.24
N ASN A 67 -0.18 -22.12 3.40
CA ASN A 67 -0.39 -23.49 3.87
C ASN A 67 0.88 -24.13 4.39
N SER A 68 2.04 -23.51 4.20
CA SER A 68 3.28 -24.06 4.73
C SER A 68 3.29 -23.94 6.26
N ASN A 69 4.42 -24.32 6.85
CA ASN A 69 4.65 -24.13 8.28
C ASN A 69 5.82 -23.20 8.55
N ASN A 70 6.40 -22.60 7.51
CA ASN A 70 7.48 -21.63 7.67
C ASN A 70 6.85 -20.25 7.82
N LEU A 71 7.07 -19.63 8.99
CA LEU A 71 6.43 -18.33 9.25
C LEU A 71 6.91 -17.27 8.27
N GLU A 72 8.18 -17.34 7.84
CA GLU A 72 8.66 -16.39 6.85
C GLU A 72 7.87 -16.51 5.55
N SER A 73 7.64 -17.74 5.10
CA SER A 73 6.89 -17.93 3.85
C SER A 73 5.41 -17.59 4.04
N GLN A 74 4.85 -17.92 5.21
CA GLN A 74 3.47 -17.53 5.49
C GLN A 74 3.29 -16.02 5.43
N LEU A 75 4.23 -15.29 6.04
CA LEU A 75 4.17 -13.83 5.99
C LEU A 75 4.40 -13.30 4.58
N GLN A 76 5.32 -13.93 3.83
CA GLN A 76 5.53 -13.57 2.44
C GLN A 76 4.22 -13.66 1.66
N ALA A 77 3.53 -14.78 1.79
CA ALA A 77 2.28 -14.98 1.05
C ALA A 77 1.17 -14.07 1.56
N THR A 78 1.14 -13.78 2.86
CA THR A 78 0.13 -12.86 3.39
C THR A 78 0.35 -11.46 2.83
N GLN A 79 1.60 -11.00 2.78
CA GLN A 79 1.89 -9.70 2.19
C GLN A 79 1.54 -9.69 0.71
N ALA A 80 1.84 -10.78 0.00
CA ALA A 80 1.46 -10.88 -1.41
C ALA A 80 -0.05 -10.77 -1.56
N ALA A 81 -0.81 -11.41 -0.67
CA ALA A 81 -2.27 -11.34 -0.74
C ALA A 81 -2.75 -9.92 -0.46
N ARG A 82 -2.13 -9.24 0.51
CA ARG A 82 -2.49 -7.84 0.77
C ARG A 82 -2.31 -7.01 -0.49
N LYS A 83 -1.14 -7.13 -1.12
CA LYS A 83 -0.88 -6.33 -2.32
C LYS A 83 -1.84 -6.71 -3.45
N LEU A 84 -2.17 -8.00 -3.56
CA LEU A 84 -3.08 -8.45 -4.61
C LEU A 84 -4.48 -7.87 -4.40
N LEU A 85 -4.94 -7.84 -3.14
CA LEU A 85 -6.25 -7.29 -2.81
C LEU A 85 -6.24 -5.79 -2.66
N SER A 86 -5.06 -5.16 -2.59
CA SER A 86 -4.94 -3.72 -2.59
C SER A 86 -4.84 -3.14 -4.00
N ARG A 87 -4.89 -3.98 -5.03
CA ARG A 87 -4.85 -3.50 -6.41
C ARG A 87 -5.97 -2.50 -6.65
N GLU A 88 -5.62 -1.36 -7.26
CA GLU A 88 -6.59 -0.32 -7.53
C GLU A 88 -7.69 -0.76 -8.49
N LYS A 89 -7.49 -1.89 -9.17
CA LYS A 89 -8.47 -2.38 -10.13
C LYS A 89 -8.66 -3.88 -9.94
N GLN A 90 -9.90 -4.34 -10.14
CA GLN A 90 -10.29 -5.74 -10.08
C GLN A 90 -9.50 -6.52 -9.04
N PRO A 91 -9.70 -6.26 -7.76
CA PRO A 91 -9.05 -7.09 -6.72
C PRO A 91 -9.69 -8.47 -6.69
N PRO A 92 -8.88 -9.54 -6.61
CA PRO A 92 -9.41 -10.92 -6.68
C PRO A 92 -9.98 -11.41 -5.35
N ILE A 93 -10.83 -10.60 -4.73
CA ILE A 93 -11.36 -10.93 -3.41
C ILE A 93 -12.04 -12.28 -3.43
N ASP A 94 -12.85 -12.54 -4.45
CA ASP A 94 -13.59 -13.80 -4.51
C ASP A 94 -12.65 -14.99 -4.69
N ASN A 95 -11.50 -14.80 -5.34
CA ASN A 95 -10.56 -15.90 -5.51
C ASN A 95 -9.86 -16.24 -4.21
N ILE A 96 -9.49 -15.23 -3.42
CA ILE A 96 -8.91 -15.49 -2.11
C ILE A 96 -9.94 -16.14 -1.19
N ILE A 97 -11.20 -15.71 -1.30
CA ILE A 97 -12.25 -16.31 -0.49
C ILE A 97 -12.46 -17.77 -0.88
N ARG A 98 -12.49 -18.06 -2.18
CA ARG A 98 -12.69 -19.43 -2.64
C ARG A 98 -11.51 -20.33 -2.27
N ALA A 99 -10.32 -19.76 -2.14
CA ALA A 99 -9.14 -20.52 -1.78
C ALA A 99 -9.09 -20.89 -0.30
N GLY A 100 -10.12 -20.55 0.47
CA GLY A 100 -10.14 -20.90 1.88
C GLY A 100 -9.05 -20.23 2.69
N LEU A 101 -8.76 -18.97 2.39
CA LEU A 101 -7.68 -18.24 3.04
C LEU A 101 -8.12 -17.38 4.22
N ILE A 102 -9.42 -16.98 4.22
CA ILE A 102 -9.93 -16.12 5.31
C ILE A 102 -9.67 -16.76 6.65
N PRO A 103 -9.91 -18.07 6.83
CA PRO A 103 -9.63 -18.66 8.14
C PRO A 103 -8.16 -18.60 8.51
N LYS A 104 -7.25 -18.84 7.54
CA LYS A 104 -5.83 -18.71 7.82
C LYS A 104 -5.47 -17.28 8.20
N PHE A 105 -6.15 -16.29 7.61
CA PHE A 105 -5.91 -14.90 7.97
C PHE A 105 -6.38 -14.61 9.40
N VAL A 106 -7.58 -15.07 9.74
CA VAL A 106 -8.08 -14.88 11.10
C VAL A 106 -7.18 -15.58 12.10
N SER A 107 -6.54 -16.69 11.69
CA SER A 107 -5.59 -17.34 12.58
C SER A 107 -4.33 -16.52 12.75
N PHE A 108 -3.79 -16.00 11.63
CA PHE A 108 -2.61 -15.14 11.71
C PHE A 108 -2.86 -13.93 12.57
N LEU A 109 -4.10 -13.42 12.60
CA LEU A 109 -4.41 -12.26 13.44
C LEU A 109 -4.03 -12.48 14.90
N GLY A 110 -3.88 -13.73 15.32
CA GLY A 110 -3.53 -14.04 16.69
C GLY A 110 -2.07 -14.30 16.95
N LYS A 111 -1.20 -14.13 15.94
CA LYS A 111 0.23 -14.39 16.10
C LYS A 111 0.89 -13.15 16.71
N THR A 112 0.74 -13.01 18.03
CA THR A 112 1.39 -11.92 18.73
C THR A 112 2.90 -11.96 18.55
N ASP A 113 3.45 -13.15 18.32
CA ASP A 113 4.89 -13.27 18.12
C ASP A 113 5.35 -12.57 16.84
N CYS A 114 4.48 -12.50 15.83
CA CYS A 114 4.82 -11.92 14.53
C CYS A 114 3.80 -10.81 14.25
N SER A 115 4.12 -9.59 14.71
CA SER A 115 3.23 -8.45 14.50
C SER A 115 3.19 -8.07 13.02
N PRO A 116 4.27 -8.26 12.25
CA PRO A 116 4.16 -8.04 10.79
C PRO A 116 3.03 -8.82 10.14
N ILE A 117 2.93 -10.13 10.42
CA ILE A 117 1.87 -10.91 9.79
C ILE A 117 0.52 -10.54 10.36
N GLN A 118 0.46 -10.15 11.63
CA GLN A 118 -0.79 -9.62 12.18
C GLN A 118 -1.26 -8.42 11.37
N PHE A 119 -0.36 -7.47 11.14
CA PHE A 119 -0.72 -6.27 10.38
C PHE A 119 -1.15 -6.63 8.96
N GLU A 120 -0.38 -7.50 8.30
CA GLU A 120 -0.70 -7.86 6.92
C GLU A 120 -2.05 -8.56 6.84
N SER A 121 -2.33 -9.48 7.76
CA SER A 121 -3.61 -10.19 7.74
C SER A 121 -4.76 -9.27 8.06
N ALA A 122 -4.57 -8.34 9.00
CA ALA A 122 -5.61 -7.35 9.30
C ALA A 122 -5.91 -6.51 8.06
N TRP A 123 -4.86 -6.04 7.38
CA TRP A 123 -5.05 -5.26 6.16
C TRP A 123 -5.80 -6.05 5.10
N ALA A 124 -5.39 -7.31 4.88
CA ALA A 124 -6.03 -8.12 3.84
C ALA A 124 -7.49 -8.37 4.16
N LEU A 125 -7.79 -8.74 5.41
CA LEU A 125 -9.17 -8.99 5.80
C LEU A 125 -10.01 -7.72 5.72
N THR A 126 -9.43 -6.58 6.09
CA THR A 126 -10.16 -5.32 5.96
C THR A 126 -10.53 -5.05 4.51
N ASN A 127 -9.57 -5.22 3.60
CA ASN A 127 -9.85 -4.98 2.19
C ASN A 127 -10.75 -6.06 1.59
N ILE A 128 -10.86 -7.22 2.24
CA ILE A 128 -11.84 -8.21 1.82
C ILE A 128 -13.23 -7.82 2.31
N ALA A 129 -13.33 -7.28 3.52
CA ALA A 129 -14.60 -6.83 4.07
C ALA A 129 -15.02 -5.47 3.58
N SER A 130 -14.19 -4.81 2.76
CA SER A 130 -14.53 -3.51 2.21
C SER A 130 -15.38 -3.61 0.95
N GLY A 131 -15.63 -4.82 0.45
CA GLY A 131 -16.36 -4.98 -0.78
C GLY A 131 -17.82 -5.35 -0.59
N THR A 132 -18.27 -6.39 -1.28
CA THR A 132 -19.68 -6.77 -1.26
C THR A 132 -20.08 -7.23 0.14
N SER A 133 -21.39 -7.31 0.36
CA SER A 133 -21.90 -7.83 1.62
C SER A 133 -21.57 -9.31 1.79
N GLU A 134 -21.45 -10.04 0.68
CA GLU A 134 -21.13 -11.47 0.77
C GLU A 134 -19.67 -11.68 1.17
N GLN A 135 -18.77 -10.82 0.69
CA GLN A 135 -17.37 -10.94 1.09
C GLN A 135 -17.20 -10.58 2.56
N THR A 136 -17.91 -9.55 3.04
CA THR A 136 -17.90 -9.24 4.46
C THR A 136 -18.51 -10.38 5.27
N LYS A 137 -19.55 -11.02 4.73
CA LYS A 137 -20.10 -12.21 5.36
C LYS A 137 -19.04 -13.31 5.47
N ALA A 138 -18.25 -13.49 4.42
CA ALA A 138 -17.17 -14.46 4.46
C ALA A 138 -16.19 -14.14 5.58
N VAL A 139 -15.78 -12.87 5.67
CA VAL A 139 -14.86 -12.46 6.73
C VAL A 139 -15.47 -12.73 8.10
N VAL A 140 -16.76 -12.44 8.26
CA VAL A 140 -17.41 -12.61 9.56
C VAL A 140 -17.49 -14.08 9.93
N ASP A 141 -17.78 -14.94 8.96
CA ASP A 141 -17.89 -16.37 9.24
C ASP A 141 -16.56 -16.97 9.67
N GLY A 142 -15.44 -16.38 9.22
CA GLY A 142 -14.14 -16.84 9.63
C GLY A 142 -13.75 -16.48 11.05
N GLY A 143 -14.64 -15.86 11.81
CA GLY A 143 -14.33 -15.46 13.16
C GLY A 143 -13.47 -14.23 13.27
N ALA A 144 -13.61 -13.29 12.33
CA ALA A 144 -12.74 -12.12 12.31
C ALA A 144 -13.16 -11.05 13.31
N ILE A 145 -14.44 -11.00 13.66
CA ILE A 145 -14.90 -9.96 14.60
C ILE A 145 -14.26 -10.13 15.97
N PRO A 146 -14.30 -11.31 16.61
CA PRO A 146 -13.64 -11.43 17.92
C PRO A 146 -12.13 -11.24 17.83
N ALA A 147 -11.51 -11.70 16.74
CA ALA A 147 -10.07 -11.51 16.59
C ALA A 147 -9.71 -10.03 16.51
N PHE A 148 -10.48 -9.25 15.74
CA PHE A 148 -10.22 -7.82 15.65
C PHE A 148 -10.50 -7.12 16.98
N ILE A 149 -11.55 -7.55 17.69
CA ILE A 149 -11.86 -6.94 18.97
C ILE A 149 -10.74 -7.19 19.96
N SER A 150 -10.13 -8.39 19.90
CA SER A 150 -9.00 -8.69 20.77
C SER A 150 -7.77 -7.92 20.34
N LEU A 151 -7.59 -7.74 19.03
CA LEU A 151 -6.44 -7.00 18.50
C LEU A 151 -6.51 -5.52 18.82
N LEU A 152 -7.71 -4.99 19.06
CA LEU A 152 -7.84 -3.59 19.44
C LEU A 152 -6.87 -3.23 20.56
N ALA A 153 -6.61 -4.15 21.48
CA ALA A 153 -5.71 -3.92 22.61
C ALA A 153 -4.26 -4.25 22.28
N SER A 154 -3.92 -4.37 21.00
CA SER A 154 -2.55 -4.70 20.64
C SER A 154 -1.60 -3.60 21.12
N PRO A 155 -0.42 -3.95 21.64
CA PRO A 155 0.55 -2.92 22.00
C PRO A 155 0.98 -2.05 20.82
N HIS A 156 0.80 -2.54 19.60
CA HIS A 156 1.19 -1.80 18.40
C HIS A 156 0.00 -0.96 17.94
N ALA A 157 0.23 0.35 17.79
CA ALA A 157 -0.87 1.26 17.50
C ALA A 157 -1.42 1.04 16.08
N HIS A 158 -0.54 0.75 15.12
CA HIS A 158 -1.01 0.58 13.74
C HIS A 158 -1.91 -0.63 13.61
N ILE A 159 -1.60 -1.72 14.32
CA ILE A 159 -2.43 -2.92 14.23
C ILE A 159 -3.79 -2.66 14.86
N SER A 160 -3.82 -1.98 16.01
CA SER A 160 -5.11 -1.67 16.62
C SER A 160 -5.91 -0.70 15.76
N GLU A 161 -5.25 0.21 15.05
CA GLU A 161 -5.97 1.10 14.16
C GLU A 161 -6.56 0.33 12.97
N GLN A 162 -5.78 -0.60 12.41
CA GLN A 162 -6.33 -1.47 11.37
C GLN A 162 -7.51 -2.29 11.90
N ALA A 163 -7.46 -2.68 13.17
CA ALA A 163 -8.57 -3.41 13.75
C ALA A 163 -9.82 -2.54 13.87
N VAL A 164 -9.64 -1.29 14.32
CA VAL A 164 -10.75 -0.33 14.33
C VAL A 164 -11.34 -0.21 12.94
N TRP A 165 -10.47 -0.08 11.92
CA TRP A 165 -10.92 0.04 10.55
C TRP A 165 -11.74 -1.18 10.13
N ALA A 166 -11.23 -2.37 10.43
CA ALA A 166 -11.92 -3.60 10.03
C ALA A 166 -13.29 -3.72 10.70
N LEU A 167 -13.35 -3.44 12.00
CA LEU A 167 -14.63 -3.51 12.71
C LEU A 167 -15.60 -2.46 12.19
N GLY A 168 -15.10 -1.29 11.78
CA GLY A 168 -15.97 -0.30 11.18
C GLY A 168 -16.52 -0.75 9.85
N ASN A 169 -15.68 -1.33 9.00
CA ASN A 169 -16.16 -1.86 7.73
C ASN A 169 -17.20 -2.94 7.95
N ILE A 170 -16.95 -3.84 8.91
CA ILE A 170 -17.90 -4.93 9.18
C ILE A 170 -19.23 -4.35 9.66
N ALA A 171 -19.19 -3.48 10.66
CA ALA A 171 -20.41 -2.90 11.20
C ALA A 171 -21.09 -1.96 10.22
N GLY A 172 -20.38 -1.49 9.19
CA GLY A 172 -20.97 -0.63 8.19
C GLY A 172 -21.75 -1.35 7.13
N ASP A 173 -21.69 -2.69 7.10
CA ASP A 173 -22.43 -3.44 6.10
C ASP A 173 -23.94 -3.37 6.35
N GLY A 174 -24.34 -3.39 7.62
CA GLY A 174 -25.75 -3.36 7.96
C GLY A 174 -25.95 -3.56 9.44
N SER A 175 -27.22 -3.58 9.83
CA SER A 175 -27.56 -3.69 11.24
C SER A 175 -27.16 -5.05 11.82
N ALA A 176 -27.20 -6.11 11.02
CA ALA A 176 -26.89 -7.43 11.52
C ALA A 176 -25.43 -7.52 11.96
N PHE A 177 -24.50 -7.18 11.07
CA PHE A 177 -23.08 -7.23 11.44
C PHE A 177 -22.74 -6.17 12.48
N ARG A 178 -23.44 -5.03 12.48
CA ARG A 178 -23.26 -4.04 13.53
C ARG A 178 -23.59 -4.65 14.90
N ASP A 179 -24.76 -5.26 15.02
CA ASP A 179 -25.14 -5.86 16.29
C ASP A 179 -24.24 -7.04 16.63
N LEU A 180 -23.68 -7.71 15.63
CA LEU A 180 -22.67 -8.74 15.91
C LEU A 180 -21.43 -8.12 16.56
N VAL A 181 -20.88 -7.08 15.94
CA VAL A 181 -19.70 -6.42 16.49
C VAL A 181 -19.98 -5.93 17.90
N ILE A 182 -21.20 -5.44 18.14
CA ILE A 182 -21.54 -4.95 19.48
C ILE A 182 -21.65 -6.11 20.45
N LYS A 183 -22.22 -7.24 20.00
CA LYS A 183 -22.41 -8.37 20.90
C LYS A 183 -21.07 -8.97 21.33
N HIS A 184 -20.12 -9.07 20.41
CA HIS A 184 -18.80 -9.59 20.74
C HIS A 184 -17.99 -8.65 21.63
N GLY A 185 -18.55 -7.52 22.04
CA GLY A 185 -17.91 -6.66 23.01
C GLY A 185 -16.85 -5.75 22.41
N ALA A 186 -17.25 -4.93 21.44
CA ALA A 186 -16.33 -4.01 20.80
C ALA A 186 -16.41 -2.59 21.35
N ILE A 187 -17.55 -2.19 21.89
CA ILE A 187 -17.72 -0.81 22.35
C ILE A 187 -16.76 -0.50 23.49
N ASP A 188 -16.64 -1.42 24.45
CA ASP A 188 -15.78 -1.17 25.62
C ASP A 188 -14.35 -0.84 25.22
N PRO A 189 -13.63 -1.69 24.48
CA PRO A 189 -12.25 -1.33 24.12
C PRO A 189 -12.16 -0.13 23.19
N LEU A 190 -13.05 -0.04 22.21
CA LEU A 190 -13.03 1.09 21.29
C LEU A 190 -13.12 2.41 22.04
N LEU A 191 -14.03 2.49 23.02
CA LEU A 191 -14.15 3.70 23.82
C LEU A 191 -13.03 3.83 24.84
N ALA A 192 -12.42 2.71 25.25
CA ALA A 192 -11.25 2.78 26.11
C ALA A 192 -10.10 3.46 25.39
N LEU A 193 -10.01 3.29 24.07
CA LEU A 193 -8.99 3.98 23.30
C LEU A 193 -9.13 5.50 23.37
N LEU A 194 -10.29 6.00 23.80
CA LEU A 194 -10.55 7.44 23.88
C LEU A 194 -10.68 7.94 25.32
N ALA A 195 -10.32 7.12 26.30
CA ALA A 195 -10.57 7.48 27.69
C ALA A 195 -9.76 8.70 28.13
N VAL A 196 -8.60 8.93 27.53
CA VAL A 196 -7.72 10.01 27.94
C VAL A 196 -8.50 11.32 27.96
N PRO A 197 -8.46 12.10 29.06
CA PRO A 197 -9.24 13.34 29.11
C PRO A 197 -9.04 14.24 27.89
N ASP A 198 -7.81 14.39 27.43
CA ASP A 198 -7.49 15.27 26.30
C ASP A 198 -7.42 14.44 25.02
N LEU A 199 -8.33 14.71 24.09
CA LEU A 199 -8.36 13.97 22.83
C LEU A 199 -7.24 14.37 21.89
N SER A 200 -6.68 15.58 22.06
CA SER A 200 -5.57 16.01 21.21
C SER A 200 -4.28 15.24 21.49
N THR A 201 -4.21 14.52 22.62
CA THR A 201 -3.04 13.69 22.89
C THR A 201 -3.02 12.40 22.10
N LEU A 202 -4.14 12.04 21.46
CA LEU A 202 -4.19 10.81 20.68
C LEU A 202 -3.41 10.98 19.38
N ALA A 203 -2.92 9.85 18.87
CA ALA A 203 -2.04 9.88 17.71
C ALA A 203 -2.75 10.46 16.49
N CYS A 204 -1.94 10.96 15.56
CA CYS A 204 -2.43 11.53 14.32
C CYS A 204 -3.25 10.52 13.52
N GLY A 205 -4.57 10.73 13.47
CA GLY A 205 -5.46 9.91 12.67
C GLY A 205 -6.24 8.88 13.44
N TYR A 206 -5.81 8.52 14.65
CA TYR A 206 -6.52 7.50 15.42
C TYR A 206 -7.95 7.96 15.73
N LEU A 207 -8.09 9.21 16.16
CA LEU A 207 -9.41 9.71 16.56
C LEU A 207 -10.39 9.68 15.40
N ARG A 208 -9.93 10.04 14.19
CA ARG A 208 -10.82 10.02 13.03
C ARG A 208 -11.34 8.61 12.76
N ASN A 209 -10.44 7.62 12.75
CA ASN A 209 -10.86 6.24 12.50
C ASN A 209 -11.83 5.75 13.57
N LEU A 210 -11.52 6.02 14.84
CA LEU A 210 -12.41 5.55 15.91
C LEU A 210 -13.76 6.25 15.86
N THR A 211 -13.77 7.54 15.50
CA THR A 211 -15.03 8.26 15.36
C THR A 211 -15.86 7.67 14.22
N TRP A 212 -15.22 7.35 13.10
CA TRP A 212 -15.94 6.75 11.98
C TRP A 212 -16.53 5.40 12.38
N THR A 213 -15.71 4.56 13.04
CA THR A 213 -16.21 3.26 13.45
C THR A 213 -17.36 3.38 14.44
N LEU A 214 -17.27 4.32 15.37
CA LEU A 214 -18.38 4.56 16.29
C LEU A 214 -19.61 5.08 15.57
N SER A 215 -19.40 5.84 14.48
CA SER A 215 -20.53 6.29 13.69
C SER A 215 -21.24 5.12 13.03
N ASN A 216 -20.46 4.18 12.47
CA ASN A 216 -21.08 3.01 11.86
C ASN A 216 -21.75 2.12 12.90
N LEU A 217 -21.24 2.12 14.14
CA LEU A 217 -21.89 1.37 15.22
C LEU A 217 -23.19 2.04 15.68
N CYS A 218 -23.45 3.27 15.23
CA CYS A 218 -24.71 3.94 15.50
C CYS A 218 -25.57 4.07 14.25
N ARG A 219 -25.16 3.43 13.15
CA ARG A 219 -25.80 3.59 11.86
C ARG A 219 -26.74 2.42 11.58
N ASN A 220 -27.57 2.59 10.54
CA ASN A 220 -28.47 1.55 10.06
C ASN A 220 -29.67 1.39 10.97
N LYS A 221 -30.73 0.77 10.46
CA LYS A 221 -31.99 0.60 11.18
C LYS A 221 -32.55 -0.79 10.87
N ASN A 222 -33.68 -1.11 11.51
CA ASN A 222 -34.35 -2.39 11.30
C ASN A 222 -33.38 -3.54 11.44
N PRO A 223 -32.90 -3.85 12.65
CA PRO A 223 -33.18 -3.17 13.92
C PRO A 223 -32.31 -1.94 14.14
N ALA A 224 -32.71 -1.05 15.03
CA ALA A 224 -31.86 0.09 15.39
C ALA A 224 -30.82 -0.36 16.41
N PRO A 225 -29.71 0.37 16.53
CA PRO A 225 -28.65 -0.05 17.45
C PRO A 225 -29.19 -0.32 18.83
N PRO A 226 -28.68 -1.36 19.52
CA PRO A 226 -29.18 -1.66 20.86
C PRO A 226 -29.10 -0.43 21.78
N LEU A 227 -30.16 -0.23 22.56
CA LEU A 227 -30.27 0.97 23.38
C LEU A 227 -29.07 1.14 24.30
N ASP A 228 -28.67 0.07 24.97
CA ASP A 228 -27.52 0.16 25.88
C ASP A 228 -26.27 0.61 25.16
N ALA A 229 -26.07 0.14 23.92
CA ALA A 229 -24.92 0.58 23.14
C ALA A 229 -24.97 2.08 22.87
N VAL A 230 -26.16 2.59 22.53
CA VAL A 230 -26.28 4.01 22.24
C VAL A 230 -26.02 4.83 23.50
N GLU A 231 -26.55 4.38 24.64
CA GLU A 231 -26.34 5.10 25.89
C GLU A 231 -24.88 5.02 26.35
N GLN A 232 -24.17 3.96 25.94
CA GLN A 232 -22.76 3.85 26.27
C GLN A 232 -21.89 4.69 25.36
N ILE A 233 -22.31 4.90 24.11
CA ILE A 233 -21.50 5.65 23.16
C ILE A 233 -21.81 7.14 23.14
N LEU A 234 -23.00 7.55 23.60
CA LEU A 234 -23.40 8.95 23.43
C LEU A 234 -22.48 9.93 24.13
N PRO A 235 -22.05 9.73 25.38
CA PRO A 235 -21.15 10.72 26.00
C PRO A 235 -19.87 10.95 25.21
N THR A 236 -19.27 9.88 24.68
CA THR A 236 -18.10 10.05 23.83
C THR A 236 -18.44 10.85 22.59
N LEU A 237 -19.65 10.64 22.04
CA LEU A 237 -20.07 11.41 20.88
C LEU A 237 -20.21 12.89 21.24
N VAL A 238 -20.64 13.21 22.46
CA VAL A 238 -20.68 14.60 22.90
C VAL A 238 -19.26 15.17 22.92
N ARG A 239 -18.36 14.48 23.63
CA ARG A 239 -16.97 14.93 23.69
C ARG A 239 -16.40 15.17 22.30
N LEU A 240 -16.74 14.30 21.34
CA LEU A 240 -16.22 14.44 19.98
C LEU A 240 -16.92 15.57 19.23
N LEU A 241 -18.22 15.77 19.47
CA LEU A 241 -18.91 16.92 18.91
C LEU A 241 -18.31 18.24 19.37
N HIS A 242 -17.62 18.24 20.52
CA HIS A 242 -16.91 19.44 20.95
C HIS A 242 -15.45 19.45 20.52
N HIS A 243 -15.04 18.56 19.61
CA HIS A 243 -13.67 18.54 19.14
C HIS A 243 -13.47 19.57 18.03
N ASN A 244 -12.20 19.88 17.75
CA ASN A 244 -11.84 20.92 16.80
C ASN A 244 -11.30 20.36 15.49
N ASP A 245 -11.54 19.07 15.21
CA ASP A 245 -11.15 18.49 13.94
C ASP A 245 -12.35 18.45 13.01
N PRO A 246 -12.24 18.96 11.77
CA PRO A 246 -13.44 19.01 10.92
C PRO A 246 -14.05 17.64 10.66
N GLU A 247 -13.22 16.62 10.42
CA GLU A 247 -13.75 15.31 10.07
C GLU A 247 -14.34 14.59 11.27
N VAL A 248 -13.69 14.72 12.43
CA VAL A 248 -14.27 14.17 13.66
C VAL A 248 -15.64 14.78 13.90
N LEU A 249 -15.75 16.10 13.76
CA LEU A 249 -17.03 16.77 13.92
C LEU A 249 -18.05 16.27 12.91
N ALA A 250 -17.64 16.13 11.66
CA ALA A 250 -18.57 15.66 10.62
C ALA A 250 -19.11 14.27 10.97
N ASP A 251 -18.22 13.34 11.31
CA ASP A 251 -18.67 11.98 11.60
C ASP A 251 -19.48 11.93 12.89
N SER A 252 -19.14 12.76 13.88
CA SER A 252 -19.94 12.78 15.11
C SER A 252 -21.35 13.31 14.82
N CYS A 253 -21.47 14.34 13.98
CA CYS A 253 -22.77 14.84 13.62
C CYS A 253 -23.55 13.80 12.83
N TRP A 254 -22.88 13.07 11.94
CA TRP A 254 -23.55 11.99 11.21
C TRP A 254 -24.04 10.91 12.15
N ALA A 255 -23.24 10.58 13.18
CA ALA A 255 -23.65 9.56 14.14
C ALA A 255 -24.88 10.02 14.92
N ILE A 256 -24.85 11.27 15.40
CA ILE A 256 -26.02 11.79 16.11
C ILE A 256 -27.23 11.87 15.18
N SER A 257 -26.99 12.07 13.88
CA SER A 257 -28.08 12.08 12.92
C SER A 257 -28.70 10.68 12.80
N TYR A 258 -27.86 9.66 12.66
CA TYR A 258 -28.37 8.28 12.66
C TYR A 258 -29.17 8.00 13.91
N LEU A 259 -28.67 8.45 15.07
CA LEU A 259 -29.33 8.15 16.33
C LEU A 259 -30.63 8.93 16.49
N THR A 260 -30.74 10.11 15.89
CA THR A 260 -31.96 10.89 15.97
C THR A 260 -33.00 10.43 14.96
N ASP A 261 -32.60 9.72 13.91
CA ASP A 261 -33.52 9.18 12.91
C ASP A 261 -34.17 7.93 13.49
N GLY A 262 -35.31 8.12 14.15
CA GLY A 262 -36.01 7.01 14.78
C GLY A 262 -37.15 7.48 15.65
N PRO A 263 -37.59 6.64 16.57
CA PRO A 263 -38.71 7.02 17.46
C PRO A 263 -38.31 8.16 18.38
N ASN A 264 -39.33 8.76 18.98
CA ASN A 264 -39.11 9.90 19.87
C ASN A 264 -38.33 9.52 21.12
N GLU A 265 -38.27 8.23 21.47
CA GLU A 265 -37.48 7.81 22.62
C GLU A 265 -35.99 7.97 22.35
N ARG A 266 -35.54 7.60 21.14
CA ARG A 266 -34.14 7.80 20.78
C ARG A 266 -33.81 9.29 20.69
N ILE A 267 -34.71 10.08 20.12
CA ILE A 267 -34.54 11.52 20.08
C ILE A 267 -34.41 12.06 21.50
N GLU A 268 -35.19 11.51 22.43
CA GLU A 268 -35.14 11.97 23.81
C GLU A 268 -33.81 11.62 24.47
N MET A 269 -33.29 10.41 24.19
CA MET A 269 -31.96 10.08 24.65
C MET A 269 -30.95 11.12 24.18
N VAL A 270 -30.91 11.35 22.86
CA VAL A 270 -29.92 12.27 22.30
C VAL A 270 -30.08 13.66 22.90
N VAL A 271 -31.32 14.11 23.10
CA VAL A 271 -31.55 15.45 23.64
C VAL A 271 -31.11 15.54 25.09
N LYS A 272 -31.47 14.53 25.89
CA LYS A 272 -31.07 14.52 27.30
C LYS A 272 -29.56 14.55 27.45
N LYS A 273 -28.83 13.92 26.52
CA LYS A 273 -27.38 14.04 26.57
C LYS A 273 -26.92 15.48 26.42
N GLY A 274 -27.72 16.33 25.79
CA GLY A 274 -27.43 17.75 25.71
C GLY A 274 -26.59 18.15 24.52
N VAL A 275 -26.87 17.57 23.35
CA VAL A 275 -26.11 17.89 22.15
C VAL A 275 -26.72 19.05 21.36
N VAL A 276 -27.96 19.43 21.65
CA VAL A 276 -28.65 20.39 20.79
C VAL A 276 -27.90 21.71 20.70
N PRO A 277 -27.39 22.29 21.79
CA PRO A 277 -26.66 23.56 21.63
C PRO A 277 -25.44 23.45 20.73
N GLN A 278 -24.64 22.40 20.88
CA GLN A 278 -23.47 22.25 20.02
C GLN A 278 -23.88 21.97 18.58
N LEU A 279 -24.97 21.23 18.37
CA LEU A 279 -25.48 21.04 17.02
C LEU A 279 -25.87 22.36 16.38
N VAL A 280 -26.52 23.23 17.15
CA VAL A 280 -26.89 24.55 16.62
C VAL A 280 -25.64 25.36 16.33
N LYS A 281 -24.62 25.25 17.19
CA LYS A 281 -23.36 25.94 16.92
C LYS A 281 -22.77 25.47 15.61
N LEU A 282 -22.78 24.15 15.37
CA LEU A 282 -22.21 23.60 14.15
C LEU A 282 -23.05 23.91 12.92
N LEU A 283 -24.34 24.16 13.08
CA LEU A 283 -25.17 24.60 11.96
C LEU A 283 -24.53 25.78 11.23
N GLY A 284 -23.88 26.67 11.98
CA GLY A 284 -23.24 27.84 11.42
C GLY A 284 -21.80 27.63 10.98
N ALA A 285 -21.30 26.41 11.02
CA ALA A 285 -19.93 26.15 10.60
C ALA A 285 -19.76 26.52 9.12
N THR A 286 -18.53 26.84 8.75
CA THR A 286 -18.21 27.14 7.37
C THR A 286 -18.03 25.88 6.52
N GLU A 287 -17.89 24.72 7.16
CA GLU A 287 -17.67 23.46 6.44
C GLU A 287 -19.02 22.80 6.17
N LEU A 288 -19.35 22.63 4.89
CA LEU A 288 -20.57 21.93 4.54
C LEU A 288 -20.59 20.49 5.03
N PRO A 289 -19.49 19.74 5.02
CA PRO A 289 -19.51 18.38 5.59
C PRO A 289 -19.94 18.36 7.05
N ILE A 290 -19.85 19.49 7.75
CA ILE A 290 -20.30 19.59 9.14
C ILE A 290 -21.72 20.12 9.23
N VAL A 291 -22.09 21.03 8.33
CA VAL A 291 -23.43 21.61 8.39
C VAL A 291 -24.47 20.60 7.94
N THR A 292 -24.18 19.85 6.89
CA THR A 292 -25.16 18.87 6.39
C THR A 292 -25.60 17.89 7.49
N PRO A 293 -24.68 17.18 8.16
CA PRO A 293 -25.13 16.27 9.23
C PRO A 293 -25.74 17.00 10.42
N ALA A 294 -25.23 18.18 10.77
CA ALA A 294 -25.81 18.94 11.86
C ALA A 294 -27.25 19.33 11.55
N LEU A 295 -27.51 19.81 10.33
CA LEU A 295 -28.87 20.14 9.94
C LEU A 295 -29.75 18.90 9.90
N ARG A 296 -29.21 17.77 9.44
CA ARG A 296 -29.98 16.53 9.45
C ARG A 296 -30.39 16.15 10.86
N ALA A 297 -29.45 16.24 11.81
CA ALA A 297 -29.76 15.90 13.19
C ALA A 297 -30.79 16.85 13.78
N ILE A 298 -30.62 18.16 13.55
CA ILE A 298 -31.58 19.14 14.07
C ILE A 298 -32.96 18.88 13.48
N GLY A 299 -33.03 18.51 12.20
CA GLY A 299 -34.31 18.23 11.58
C GLY A 299 -34.95 16.97 12.12
N ASN A 300 -34.14 15.94 12.38
CA ASN A 300 -34.66 14.72 12.97
C ASN A 300 -35.15 14.94 14.39
N ILE A 301 -34.54 15.89 15.11
CA ILE A 301 -34.96 16.13 16.48
C ILE A 301 -36.33 16.83 16.52
N VAL A 302 -36.55 17.78 15.62
CA VAL A 302 -37.81 18.51 15.60
C VAL A 302 -38.96 17.67 15.07
N THR A 303 -38.68 16.52 14.47
CA THR A 303 -39.75 15.61 14.06
C THR A 303 -40.36 14.88 15.24
N GLY A 304 -39.84 15.07 16.45
CA GLY A 304 -40.37 14.41 17.63
C GLY A 304 -41.41 15.22 18.35
N THR A 305 -41.29 15.30 19.68
CA THR A 305 -42.29 15.99 20.47
C THR A 305 -42.14 17.50 20.31
N ASP A 306 -43.19 18.22 20.76
CA ASP A 306 -43.11 19.67 20.77
C ASP A 306 -42.15 20.18 21.83
N GLU A 307 -41.90 19.39 22.88
CA GLU A 307 -40.90 19.77 23.87
C GLU A 307 -39.49 19.65 23.30
N GLN A 308 -39.25 18.61 22.49
CA GLN A 308 -37.95 18.50 21.82
C GLN A 308 -37.76 19.59 20.78
N THR A 309 -38.81 19.88 20.00
CA THR A 309 -38.76 20.99 19.07
C THR A 309 -38.48 22.30 19.81
N GLN A 310 -39.05 22.47 21.00
CA GLN A 310 -38.82 23.68 21.77
C GLN A 310 -37.41 23.72 22.32
N LYS A 311 -36.83 22.56 22.66
CA LYS A 311 -35.41 22.51 23.00
C LYS A 311 -34.57 23.03 21.84
N VAL A 312 -34.89 22.57 20.63
CA VAL A 312 -34.16 23.03 19.45
C VAL A 312 -34.30 24.53 19.30
N ILE A 313 -35.53 25.05 19.47
CA ILE A 313 -35.76 26.49 19.31
C ILE A 313 -34.99 27.26 20.37
N ASP A 314 -35.00 26.77 21.62
CA ASP A 314 -34.33 27.47 22.71
C ASP A 314 -32.82 27.51 22.50
N ALA A 315 -32.25 26.45 21.94
CA ALA A 315 -30.82 26.47 21.64
C ALA A 315 -30.45 27.61 20.68
N GLY A 316 -31.44 28.21 20.01
CA GLY A 316 -31.17 29.30 19.09
C GLY A 316 -31.03 28.89 17.64
N ALA A 317 -31.61 27.76 17.24
CA ALA A 317 -31.41 27.27 15.89
C ALA A 317 -32.06 28.18 14.85
N LEU A 318 -33.23 28.74 15.19
CA LEU A 318 -33.97 29.54 14.22
C LEU A 318 -33.17 30.73 13.70
N ALA A 319 -32.14 31.16 14.43
CA ALA A 319 -31.33 32.29 13.99
C ALA A 319 -30.36 31.93 12.88
N VAL A 320 -30.09 30.64 12.67
CA VAL A 320 -29.19 30.20 11.61
C VAL A 320 -29.94 29.91 10.31
N PHE A 321 -31.24 29.67 10.37
CA PHE A 321 -32.02 29.27 9.21
C PHE A 321 -32.13 30.37 8.16
N PRO A 322 -32.06 31.66 8.53
CA PRO A 322 -31.98 32.69 7.49
C PRO A 322 -30.82 32.48 6.54
N SER A 323 -29.71 31.92 7.01
CA SER A 323 -28.61 31.58 6.12
C SER A 323 -28.83 30.23 5.45
N LEU A 324 -29.26 29.23 6.23
CA LEU A 324 -29.50 27.91 5.67
C LEU A 324 -30.52 27.95 4.54
N LEU A 325 -31.60 28.73 4.72
CA LEU A 325 -32.61 28.85 3.68
C LEU A 325 -32.12 29.66 2.49
N THR A 326 -30.97 30.32 2.59
CA THR A 326 -30.36 31.04 1.48
C THR A 326 -29.00 30.47 1.12
N ASN A 327 -28.74 29.22 1.46
CA ASN A 327 -27.46 28.60 1.15
C ASN A 327 -27.39 28.27 -0.34
N PRO A 328 -26.26 28.55 -1.00
CA PRO A 328 -26.16 28.21 -2.42
C PRO A 328 -26.41 26.73 -2.71
N LYS A 329 -26.04 25.84 -1.79
CA LYS A 329 -26.32 24.43 -1.96
C LYS A 329 -27.82 24.18 -1.82
N THR A 330 -28.40 23.52 -2.83
CA THR A 330 -29.83 23.31 -2.82
C THR A 330 -30.25 22.29 -1.77
N ASN A 331 -29.36 21.34 -1.44
CA ASN A 331 -29.69 20.36 -0.41
C ASN A 331 -29.82 21.02 0.95
N ILE A 332 -28.95 21.99 1.24
CA ILE A 332 -29.07 22.75 2.49
C ILE A 332 -30.42 23.46 2.54
N GLN A 333 -30.79 24.10 1.44
CA GLN A 333 -32.09 24.79 1.41
C GLN A 333 -33.23 23.82 1.64
N LYS A 334 -33.19 22.66 0.98
CA LYS A 334 -34.29 21.70 1.11
C LYS A 334 -34.39 21.17 2.53
N GLU A 335 -33.25 20.81 3.13
CA GLU A 335 -33.26 20.30 4.50
C GLU A 335 -33.73 21.36 5.48
N ALA A 336 -33.29 22.62 5.28
CA ALA A 336 -33.75 23.69 6.16
C ALA A 336 -35.25 23.92 6.02
N THR A 337 -35.76 23.86 4.79
CA THR A 337 -37.18 24.07 4.57
C THR A 337 -38.00 22.94 5.17
N TRP A 338 -37.51 21.70 5.07
CA TRP A 338 -38.19 20.57 5.70
C TRP A 338 -38.19 20.71 7.22
N THR A 339 -37.04 21.08 7.79
CA THR A 339 -36.98 21.31 9.23
C THR A 339 -37.97 22.39 9.64
N MET A 340 -38.04 23.49 8.89
CA MET A 340 -38.99 24.55 9.20
C MET A 340 -40.42 24.05 9.10
N SER A 341 -40.72 23.25 8.07
CA SER A 341 -42.06 22.70 7.93
C SER A 341 -42.44 21.88 9.16
N ASN A 342 -41.48 21.15 9.71
CA ASN A 342 -41.75 20.44 10.95
C ASN A 342 -41.88 21.40 12.13
N ILE A 343 -41.17 22.53 12.08
CA ILE A 343 -41.28 23.51 13.16
C ILE A 343 -42.60 24.24 13.09
N THR A 344 -42.97 24.73 11.89
CA THR A 344 -44.24 25.42 11.72
C THR A 344 -45.44 24.51 12.00
N ALA A 345 -45.23 23.20 12.09
CA ALA A 345 -46.30 22.27 12.42
C ALA A 345 -46.45 22.06 13.92
N GLY A 346 -45.82 22.90 14.73
CA GLY A 346 -45.85 22.78 16.18
C GLY A 346 -46.91 23.66 16.80
N ARG A 347 -46.67 24.04 18.05
CA ARG A 347 -47.61 24.88 18.78
C ARG A 347 -47.64 26.28 18.18
N GLN A 348 -48.66 27.05 18.59
CA GLN A 348 -48.78 28.41 18.08
C GLN A 348 -47.67 29.31 18.60
N ASP A 349 -47.18 29.07 19.82
CA ASP A 349 -46.04 29.84 20.32
C ASP A 349 -44.80 29.59 19.49
N GLN A 350 -44.62 28.36 19.00
CA GLN A 350 -43.47 28.06 18.16
C GLN A 350 -43.60 28.75 16.80
N ILE A 351 -44.82 28.79 16.25
CA ILE A 351 -45.05 29.56 15.03
C ILE A 351 -44.73 31.03 15.27
N GLN A 352 -45.12 31.55 16.43
CA GLN A 352 -44.84 32.96 16.73
C GLN A 352 -43.35 33.20 16.89
N GLN A 353 -42.61 32.22 17.40
CA GLN A 353 -41.16 32.35 17.47
C GLN A 353 -40.53 32.31 16.09
N VAL A 354 -41.06 31.47 15.19
CA VAL A 354 -40.63 31.50 13.80
C VAL A 354 -40.86 32.89 13.22
N VAL A 355 -42.00 33.51 13.56
CA VAL A 355 -42.31 34.85 13.07
C VAL A 355 -41.31 35.86 13.63
N ASN A 356 -41.03 35.78 14.93
CA ASN A 356 -40.16 36.77 15.56
C ASN A 356 -38.74 36.70 15.03
N HIS A 357 -38.27 35.52 14.63
CA HIS A 357 -36.95 35.40 14.05
C HIS A 357 -36.91 35.86 12.60
N GLY A 358 -38.04 36.28 12.04
CA GLY A 358 -38.06 36.81 10.68
C GLY A 358 -37.85 35.77 9.60
N LEU A 359 -38.40 34.57 9.79
CA LEU A 359 -38.23 33.50 8.82
C LEU A 359 -39.37 33.41 7.81
N VAL A 360 -40.55 33.94 8.13
CA VAL A 360 -41.65 33.94 7.18
C VAL A 360 -41.23 34.55 5.85
N PRO A 361 -40.57 35.71 5.80
CA PRO A 361 -40.06 36.20 4.51
C PRO A 361 -39.19 35.18 3.77
N PHE A 362 -38.30 34.49 4.49
CA PHE A 362 -37.41 33.54 3.83
C PHE A 362 -38.17 32.31 3.35
N LEU A 363 -39.15 31.85 4.12
CA LEU A 363 -39.96 30.71 3.66
C LEU A 363 -40.76 31.09 2.42
N VAL A 364 -41.32 32.30 2.39
CA VAL A 364 -42.01 32.77 1.18
C VAL A 364 -41.02 32.85 0.02
N GLY A 365 -39.80 33.33 0.28
CA GLY A 365 -38.81 33.44 -0.77
C GLY A 365 -38.41 32.10 -1.36
N VAL A 366 -38.30 31.08 -0.51
CA VAL A 366 -37.96 29.75 -1.03
C VAL A 366 -39.17 29.15 -1.75
N LEU A 367 -40.39 29.44 -1.29
CA LEU A 367 -41.56 29.00 -2.03
C LEU A 367 -41.62 29.65 -3.41
N SER A 368 -41.05 30.85 -3.55
CA SER A 368 -41.09 31.57 -4.81
C SER A 368 -39.95 31.18 -5.76
N LYS A 369 -38.72 31.10 -5.25
CA LYS A 369 -37.53 31.08 -6.11
C LYS A 369 -36.76 29.77 -6.09
N ALA A 370 -37.09 28.84 -5.20
CA ALA A 370 -36.30 27.62 -5.08
C ALA A 370 -36.71 26.59 -6.13
N ASP A 371 -36.01 25.46 -6.13
CA ASP A 371 -36.37 24.35 -7.01
C ASP A 371 -37.66 23.70 -6.52
N PHE A 372 -38.18 22.76 -7.33
CA PHE A 372 -39.47 22.16 -7.00
C PHE A 372 -39.39 21.33 -5.71
N LYS A 373 -38.23 20.80 -5.38
CA LYS A 373 -38.09 20.02 -4.14
C LYS A 373 -38.20 20.93 -2.92
N THR A 374 -37.32 21.92 -2.83
CA THR A 374 -37.41 22.91 -1.76
C THR A 374 -38.75 23.64 -1.80
N GLN A 375 -39.31 23.84 -3.00
CA GLN A 375 -40.60 24.51 -3.10
C GLN A 375 -41.72 23.64 -2.51
N LYS A 376 -41.62 22.33 -2.67
CA LYS A 376 -42.62 21.44 -2.07
C LYS A 376 -42.45 21.40 -0.55
N GLU A 377 -41.20 21.38 -0.07
CA GLU A 377 -40.98 21.51 1.36
C GLU A 377 -41.57 22.81 1.90
N ALA A 378 -41.41 23.91 1.15
CA ALA A 378 -41.93 25.19 1.58
C ALA A 378 -43.46 25.20 1.55
N ALA A 379 -44.06 24.56 0.56
CA ALA A 379 -45.50 24.42 0.53
C ALA A 379 -46.00 23.71 1.78
N TRP A 380 -45.34 22.61 2.15
CA TRP A 380 -45.69 21.93 3.38
C TRP A 380 -45.54 22.85 4.59
N ALA A 381 -44.44 23.61 4.63
CA ALA A 381 -44.20 24.49 5.76
C ALA A 381 -45.30 25.54 5.90
N ILE A 382 -45.69 26.15 4.78
CA ILE A 382 -46.70 27.20 4.83
C ILE A 382 -48.07 26.59 5.14
N THR A 383 -48.35 25.39 4.65
CA THR A 383 -49.62 24.75 4.95
C THR A 383 -49.73 24.44 6.44
N ASN A 384 -48.63 23.97 7.05
CA ASN A 384 -48.65 23.74 8.49
C ASN A 384 -48.68 25.05 9.27
N TYR A 385 -48.08 26.11 8.72
CA TYR A 385 -48.15 27.43 9.34
C TYR A 385 -49.60 27.90 9.42
N THR A 386 -50.34 27.77 8.32
CA THR A 386 -51.73 28.23 8.30
C THR A 386 -52.66 27.27 9.02
N SER A 387 -52.31 25.98 9.09
CA SER A 387 -53.21 25.00 9.68
C SER A 387 -53.35 25.20 11.19
N GLY A 388 -52.24 25.45 11.87
CA GLY A 388 -52.26 25.55 13.32
C GLY A 388 -51.80 26.90 13.84
N GLY A 389 -51.87 27.93 13.01
CA GLY A 389 -51.49 29.27 13.40
C GLY A 389 -52.69 30.11 13.79
N THR A 390 -52.40 31.29 14.34
CA THR A 390 -53.42 32.24 14.71
C THR A 390 -53.78 33.13 13.53
N VAL A 391 -54.98 33.73 13.60
CA VAL A 391 -55.42 34.60 12.52
C VAL A 391 -54.42 35.73 12.29
N GLU A 392 -53.80 36.21 13.38
CA GLU A 392 -52.81 37.29 13.22
C GLU A 392 -51.57 36.79 12.48
N GLN A 393 -51.14 35.57 12.78
CA GLN A 393 -49.99 35.00 12.08
C GLN A 393 -50.30 34.75 10.61
N ILE A 394 -51.51 34.29 10.31
CA ILE A 394 -51.89 34.09 8.91
C ILE A 394 -51.98 35.43 8.19
N VAL A 395 -52.45 36.47 8.88
CA VAL A 395 -52.49 37.80 8.29
C VAL A 395 -51.08 38.30 8.00
N TYR A 396 -50.15 38.05 8.93
CA TYR A 396 -48.76 38.43 8.68
C TYR A 396 -48.19 37.65 7.49
N LEU A 397 -48.55 36.37 7.38
CA LEU A 397 -48.12 35.58 6.24
C LEU A 397 -48.61 36.20 4.93
N VAL A 398 -49.89 36.57 4.88
CA VAL A 398 -50.43 37.18 3.68
C VAL A 398 -49.79 38.55 3.43
N HIS A 399 -49.42 39.26 4.48
CA HIS A 399 -48.76 40.55 4.32
C HIS A 399 -47.36 40.39 3.74
N CYS A 400 -46.68 39.29 4.08
CA CYS A 400 -45.35 39.03 3.54
C CYS A 400 -45.38 38.55 2.09
N GLY A 401 -46.55 38.20 1.55
CA GLY A 401 -46.69 37.88 0.15
C GLY A 401 -46.68 36.40 -0.17
N ILE A 402 -47.55 35.64 0.48
CA ILE A 402 -47.62 34.20 0.23
C ILE A 402 -48.62 33.87 -0.88
N ILE A 403 -49.62 34.73 -1.08
CA ILE A 403 -50.69 34.43 -2.03
C ILE A 403 -50.12 34.23 -3.43
N GLU A 404 -49.21 35.11 -3.84
CA GLU A 404 -48.67 35.01 -5.20
C GLU A 404 -47.88 33.73 -5.43
N PRO A 405 -46.93 33.34 -4.58
CA PRO A 405 -46.25 32.05 -4.80
C PRO A 405 -47.18 30.86 -4.69
N LEU A 406 -48.07 30.84 -3.69
CA LEU A 406 -49.01 29.74 -3.58
C LEU A 406 -49.82 29.58 -4.86
N MET A 407 -50.23 30.70 -5.47
CA MET A 407 -50.93 30.62 -6.75
C MET A 407 -50.02 30.10 -7.85
N ASN A 408 -48.83 30.69 -7.98
CA ASN A 408 -47.93 30.33 -9.06
C ASN A 408 -47.52 28.87 -9.03
N LEU A 409 -47.63 28.21 -7.89
CA LEU A 409 -47.28 26.79 -7.81
C LEU A 409 -48.47 25.87 -8.05
N LEU A 410 -49.66 26.41 -8.35
CA LEU A 410 -50.80 25.56 -8.68
C LEU A 410 -50.68 24.94 -10.06
N SER A 411 -49.70 25.36 -10.85
CA SER A 411 -49.46 24.81 -12.19
C SER A 411 -48.34 23.78 -12.17
N ALA A 412 -48.42 22.83 -11.23
CA ALA A 412 -47.41 21.81 -11.04
C ALA A 412 -48.01 20.43 -11.33
N LYS A 413 -47.16 19.54 -11.83
CA LYS A 413 -47.63 18.19 -12.16
C LYS A 413 -47.90 17.36 -10.92
N ASP A 414 -47.14 17.59 -9.85
CA ASP A 414 -47.30 16.83 -8.63
C ASP A 414 -48.66 17.15 -7.99
N THR A 415 -49.52 16.15 -7.88
CA THR A 415 -50.82 16.35 -7.27
C THR A 415 -50.69 16.62 -5.77
N LYS A 416 -49.63 16.09 -5.14
CA LYS A 416 -49.45 16.28 -3.71
C LYS A 416 -49.31 17.76 -3.36
N ILE A 417 -48.43 18.47 -4.06
CA ILE A 417 -48.24 19.89 -3.80
C ILE A 417 -49.51 20.65 -4.14
N ILE A 418 -50.25 20.22 -5.15
CA ILE A 418 -51.52 20.86 -5.49
C ILE A 418 -52.46 20.80 -4.29
N GLN A 419 -52.65 19.59 -3.74
CA GLN A 419 -53.55 19.43 -2.60
C GLN A 419 -53.05 20.22 -1.39
N VAL A 420 -51.74 20.20 -1.15
CA VAL A 420 -51.16 20.92 -0.02
C VAL A 420 -51.47 22.41 -0.13
N ILE A 421 -51.23 22.99 -1.32
CA ILE A 421 -51.47 24.41 -1.50
C ILE A 421 -52.96 24.73 -1.44
N LEU A 422 -53.81 23.84 -1.95
CA LEU A 422 -55.24 24.06 -1.84
C LEU A 422 -55.68 24.11 -0.37
N ASP A 423 -55.14 23.21 0.45
CA ASP A 423 -55.47 23.22 1.88
C ASP A 423 -54.97 24.50 2.54
N ALA A 424 -53.77 24.94 2.17
CA ALA A 424 -53.25 26.21 2.70
C ALA A 424 -54.17 27.37 2.34
N ILE A 425 -54.66 27.39 1.10
CA ILE A 425 -55.56 28.46 0.68
C ILE A 425 -56.85 28.41 1.47
N SER A 426 -57.39 27.20 1.69
CA SER A 426 -58.61 27.09 2.48
C SER A 426 -58.40 27.60 3.91
N ASN A 427 -57.23 27.31 4.49
CA ASN A 427 -56.95 27.79 5.84
C ASN A 427 -56.84 29.31 5.88
N ILE A 428 -56.12 29.89 4.91
CA ILE A 428 -56.00 31.34 4.86
C ILE A 428 -57.38 31.98 4.68
N PHE A 429 -58.26 31.32 3.91
CA PHE A 429 -59.60 31.87 3.71
C PHE A 429 -60.43 31.75 4.99
N GLN A 430 -60.25 30.67 5.75
CA GLN A 430 -60.92 30.57 7.03
C GLN A 430 -60.48 31.68 7.97
N ALA A 431 -59.17 31.98 7.98
CA ALA A 431 -58.68 33.10 8.77
C ALA A 431 -59.32 34.41 8.32
N ALA A 432 -59.36 34.65 7.00
CA ALA A 432 -59.99 35.86 6.48
C ALA A 432 -61.45 35.94 6.90
N GLU A 433 -62.16 34.80 6.87
CA GLU A 433 -63.55 34.78 7.28
C GLU A 433 -63.67 35.18 8.75
N LYS A 434 -62.79 34.65 9.60
CA LYS A 434 -62.76 35.11 10.99
C LYS A 434 -62.55 36.61 11.06
N LEU A 435 -61.71 37.16 10.18
CA LEU A 435 -61.45 38.59 10.14
C LEU A 435 -62.43 39.34 9.25
N GLY A 436 -63.44 38.67 8.70
CA GLY A 436 -64.41 39.35 7.85
C GLY A 436 -63.77 40.10 6.71
N GLU A 437 -62.78 39.51 6.06
CA GLU A 437 -62.08 40.13 4.94
C GLU A 437 -61.82 39.12 3.85
N THR A 438 -62.78 38.23 3.59
CA THR A 438 -62.60 37.23 2.54
C THR A 438 -62.72 37.84 1.15
N GLU A 439 -63.54 38.88 1.01
CA GLU A 439 -63.64 39.55 -0.29
C GLU A 439 -62.30 40.13 -0.72
N LYS A 440 -61.58 40.74 0.22
CA LYS A 440 -60.24 41.25 -0.08
C LYS A 440 -59.34 40.13 -0.60
N LEU A 441 -59.26 39.02 0.14
CA LEU A 441 -58.39 37.92 -0.24
C LEU A 441 -58.78 37.34 -1.60
N SER A 442 -60.08 37.24 -1.87
CA SER A 442 -60.52 36.77 -3.18
C SER A 442 -60.07 37.73 -4.28
N ILE A 443 -60.16 39.03 -4.03
CA ILE A 443 -59.70 40.01 -5.01
C ILE A 443 -58.19 39.86 -5.22
N MET A 444 -57.44 39.56 -4.16
CA MET A 444 -56.00 39.37 -4.30
C MET A 444 -55.71 38.16 -5.18
N ILE A 445 -56.35 37.03 -4.87
CA ILE A 445 -56.16 35.81 -5.68
C ILE A 445 -56.51 36.08 -7.13
N GLU A 446 -57.58 36.85 -7.36
CA GLU A 446 -57.93 37.27 -8.72
C GLU A 446 -56.77 38.03 -9.36
N GLU A 447 -56.32 39.11 -8.70
CA GLU A 447 -55.26 39.93 -9.26
C GLU A 447 -54.02 39.12 -9.59
N CYS A 448 -53.72 38.10 -8.79
CA CYS A 448 -52.58 37.24 -9.05
C CYS A 448 -52.88 36.17 -10.11
N GLY A 449 -54.04 36.23 -10.77
CA GLY A 449 -54.43 35.20 -11.71
C GLY A 449 -54.82 33.89 -11.07
N GLY A 450 -54.97 33.85 -9.76
CA GLY A 450 -55.32 32.63 -9.05
C GLY A 450 -56.60 32.00 -9.54
N LEU A 451 -57.70 32.76 -9.51
CA LEU A 451 -59.01 32.25 -9.91
C LEU A 451 -58.89 31.40 -11.17
N ASP A 452 -58.13 31.86 -12.15
CA ASP A 452 -57.91 31.06 -13.35
C ASP A 452 -57.27 29.72 -13.00
N LYS A 453 -56.29 29.73 -12.11
CA LYS A 453 -55.61 28.48 -11.74
C LYS A 453 -56.56 27.52 -11.04
N ILE A 454 -57.30 28.02 -10.04
CA ILE A 454 -58.19 27.14 -9.28
C ILE A 454 -59.31 26.63 -10.17
N GLU A 455 -59.77 27.43 -11.13
CA GLU A 455 -60.78 26.97 -12.07
C GLU A 455 -60.22 25.90 -13.01
N ALA A 456 -59.01 26.14 -13.54
CA ALA A 456 -58.38 25.13 -14.39
C ALA A 456 -58.20 23.82 -13.64
N LEU A 457 -57.96 23.88 -12.33
CA LEU A 457 -57.86 22.66 -11.54
C LEU A 457 -59.18 21.92 -11.42
N GLN A 458 -60.29 22.52 -11.88
CA GLN A 458 -61.55 21.79 -11.93
C GLN A 458 -61.49 20.63 -12.90
N ARG A 459 -60.57 20.69 -13.88
CA ARG A 459 -60.39 19.62 -14.86
C ARG A 459 -59.22 18.71 -14.50
N HIS A 460 -58.96 18.54 -13.20
CA HIS A 460 -57.88 17.68 -12.73
C HIS A 460 -58.41 16.28 -12.44
N GLU A 461 -57.64 15.26 -12.84
CA GLU A 461 -58.09 13.89 -12.70
C GLU A 461 -58.33 13.53 -11.23
N ASN A 462 -57.41 13.93 -10.35
CA ASN A 462 -57.55 13.61 -8.94
C ASN A 462 -58.86 14.20 -8.40
N GLU A 463 -59.68 13.33 -7.78
CA GLU A 463 -60.96 13.79 -7.26
C GLU A 463 -60.76 14.76 -6.11
N SER A 464 -59.67 14.64 -5.35
CA SER A 464 -59.46 15.52 -4.20
C SER A 464 -59.17 16.95 -4.65
N VAL A 465 -58.26 17.11 -5.61
CA VAL A 465 -57.95 18.45 -6.11
C VAL A 465 -59.18 19.08 -6.74
N TYR A 466 -59.91 18.30 -7.54
CA TYR A 466 -61.12 18.82 -8.18
C TYR A 466 -62.14 19.26 -7.13
N LYS A 467 -62.40 18.40 -6.14
CA LYS A 467 -63.39 18.72 -5.12
C LYS A 467 -62.96 19.94 -4.30
N ALA A 468 -61.69 20.03 -3.95
CA ALA A 468 -61.17 21.19 -3.24
C ALA A 468 -61.46 22.45 -4.06
N SER A 469 -60.83 22.55 -5.24
CA SER A 469 -61.03 23.71 -6.09
C SER A 469 -62.52 24.05 -6.24
N LEU A 470 -63.36 23.03 -6.37
CA LEU A 470 -64.79 23.27 -6.54
C LEU A 470 -65.39 23.94 -5.31
N ASN A 471 -65.07 23.41 -4.12
CA ASN A 471 -65.58 24.00 -2.89
C ASN A 471 -65.09 25.44 -2.74
N LEU A 472 -63.80 25.67 -3.01
CA LEU A 472 -63.24 27.00 -2.89
C LEU A 472 -63.95 27.98 -3.81
N ILE A 473 -64.16 27.59 -5.06
CA ILE A 473 -64.80 28.47 -6.03
C ILE A 473 -66.25 28.73 -5.62
N GLU A 474 -66.99 27.67 -5.28
CA GLU A 474 -68.39 27.84 -4.92
C GLU A 474 -68.55 28.67 -3.66
N LYS A 475 -67.56 28.68 -2.77
CA LYS A 475 -67.69 29.37 -1.50
C LYS A 475 -67.12 30.78 -1.50
N TYR A 476 -66.18 31.10 -2.39
CA TYR A 476 -65.55 32.41 -2.36
C TYR A 476 -65.50 33.07 -3.72
N PHE A 477 -65.36 32.28 -4.78
CA PHE A 477 -65.20 32.82 -6.14
C PHE A 477 -66.44 32.59 -7.00
N SER A 478 -67.61 32.54 -6.38
CA SER A 478 -68.86 32.36 -7.12
C SER A 478 -69.80 33.54 -6.88
N ASN B 56 -7.79 8.02 -4.46
CA ASN B 56 -6.98 8.41 -5.62
C ASN B 56 -6.88 9.93 -5.72
N TRP B 57 -5.98 10.51 -4.91
CA TRP B 57 -5.77 11.94 -4.95
C TRP B 57 -5.04 12.34 -6.23
N SER B 58 -5.05 13.64 -6.51
CA SER B 58 -4.22 14.24 -7.54
C SER B 58 -2.95 14.80 -6.91
N VAL B 59 -1.93 15.01 -7.75
CA VAL B 59 -0.67 15.54 -7.24
C VAL B 59 -0.91 16.84 -6.47
N GLU B 60 -1.55 17.81 -7.13
CA GLU B 60 -1.74 19.11 -6.49
C GLU B 60 -2.51 19.01 -5.18
N ASP B 61 -3.46 18.08 -5.08
CA ASP B 61 -4.15 17.88 -3.82
C ASP B 61 -3.18 17.48 -2.72
N ILE B 62 -2.27 16.55 -3.03
CA ILE B 62 -1.27 16.13 -2.06
C ILE B 62 -0.31 17.26 -1.74
N VAL B 63 -0.01 18.12 -2.72
CA VAL B 63 0.85 19.27 -2.46
C VAL B 63 0.18 20.21 -1.47
N LYS B 64 -1.11 20.46 -1.66
CA LYS B 64 -1.85 21.31 -0.73
C LYS B 64 -1.88 20.70 0.66
N GLY B 65 -2.13 19.39 0.73
CA GLY B 65 -2.19 18.74 2.04
C GLY B 65 -0.86 18.74 2.76
N ILE B 66 0.23 18.43 2.06
CA ILE B 66 1.58 18.34 2.69
C ILE B 66 2.01 19.73 3.12
N ASN B 67 1.77 20.76 2.30
CA ASN B 67 2.18 22.12 2.64
C ASN B 67 1.21 22.82 3.56
N SER B 68 0.22 22.11 4.09
CA SER B 68 -0.69 22.68 5.08
C SER B 68 -0.01 22.73 6.45
N ASN B 69 -0.71 23.33 7.41
CA ASN B 69 -0.24 23.41 8.78
C ASN B 69 -0.91 22.41 9.70
N ASN B 70 -1.80 21.56 9.17
CA ASN B 70 -2.53 20.58 9.97
C ASN B 70 -1.88 19.22 9.80
N LEU B 71 -1.42 18.64 10.91
CA LEU B 71 -0.72 17.33 10.88
C LEU B 71 -1.66 16.25 10.38
N GLU B 72 -2.97 16.37 10.60
CA GLU B 72 -3.91 15.37 10.08
C GLU B 72 -3.98 15.42 8.56
N SER B 73 -4.10 16.63 8.00
CA SER B 73 -4.14 16.76 6.55
C SER B 73 -2.81 16.36 5.93
N GLN B 74 -1.71 16.68 6.61
CA GLN B 74 -0.36 16.30 6.13
C GLN B 74 -0.27 14.78 6.09
N LEU B 75 -0.78 14.09 7.11
CA LEU B 75 -0.78 12.63 7.13
C LEU B 75 -1.65 12.05 6.03
N GLN B 76 -2.83 12.64 5.83
CA GLN B 76 -3.71 12.17 4.75
C GLN B 76 -3.00 12.27 3.41
N ALA B 77 -2.39 13.42 3.11
CA ALA B 77 -1.73 13.61 1.82
C ALA B 77 -0.53 12.68 1.70
N THR B 78 0.17 12.42 2.80
CA THR B 78 1.37 11.55 2.81
C THR B 78 0.93 10.14 2.48
N GLN B 79 -0.17 9.65 3.06
CA GLN B 79 -0.69 8.32 2.77
C GLN B 79 -1.18 8.24 1.34
N ALA B 80 -1.82 9.31 0.86
CA ALA B 80 -2.27 9.35 -0.53
C ALA B 80 -1.09 9.23 -1.49
N ALA B 81 0.01 9.92 -1.19
CA ALA B 81 1.20 9.82 -2.04
C ALA B 81 1.81 8.43 -1.96
N ARG B 82 1.81 7.83 -0.77
CA ARG B 82 2.30 6.46 -0.63
C ARG B 82 1.51 5.53 -1.55
N LYS B 83 0.19 5.66 -1.56
CA LYS B 83 -0.61 4.78 -2.41
C LYS B 83 -0.41 5.10 -3.89
N LEU B 84 -0.32 6.39 -4.23
CA LEU B 84 -0.08 6.78 -5.62
C LEU B 84 1.26 6.25 -6.12
N LEU B 85 2.24 6.13 -5.24
CA LEU B 85 3.57 5.65 -5.62
C LEU B 85 3.69 4.13 -5.52
N SER B 86 2.82 3.48 -4.75
CA SER B 86 2.86 2.03 -4.65
C SER B 86 2.25 1.33 -5.85
N ARG B 87 1.50 2.05 -6.68
CA ARG B 87 0.93 1.45 -7.88
C ARG B 87 2.03 1.04 -8.84
N GLU B 88 1.77 -0.04 -9.59
CA GLU B 88 2.70 -0.50 -10.61
C GLU B 88 2.45 0.12 -11.98
N LYS B 89 1.38 0.91 -12.12
CA LYS B 89 1.03 1.53 -13.40
C LYS B 89 1.70 2.90 -13.48
N GLN B 90 3.00 2.88 -13.77
CA GLN B 90 3.81 4.08 -13.92
C GLN B 90 3.48 5.11 -12.84
N PRO B 91 3.78 4.83 -11.57
CA PRO B 91 3.50 5.80 -10.50
C PRO B 91 4.18 7.13 -10.81
N PRO B 92 3.54 8.25 -10.48
CA PRO B 92 4.09 9.57 -10.87
C PRO B 92 5.24 9.99 -9.96
N ILE B 93 6.36 9.27 -10.07
CA ILE B 93 7.53 9.57 -9.24
C ILE B 93 8.12 10.92 -9.63
N ASP B 94 8.35 11.13 -10.93
CA ASP B 94 8.94 12.39 -11.39
C ASP B 94 8.05 13.57 -11.07
N ASN B 95 6.72 13.39 -11.14
CA ASN B 95 5.82 14.49 -10.86
C ASN B 95 5.86 14.89 -9.39
N ILE B 96 5.87 13.90 -8.49
CA ILE B 96 5.98 14.19 -7.07
C ILE B 96 7.33 14.83 -6.77
N ILE B 97 8.38 14.42 -7.48
CA ILE B 97 9.68 15.06 -7.30
C ILE B 97 9.61 16.52 -7.74
N ARG B 98 8.92 16.80 -8.84
CA ARG B 98 8.79 18.17 -9.31
C ARG B 98 8.00 19.02 -8.33
N ALA B 99 6.93 18.46 -7.76
CA ALA B 99 6.15 19.19 -6.77
C ALA B 99 6.99 19.64 -5.58
N GLY B 100 8.13 19.00 -5.35
CA GLY B 100 8.99 19.38 -4.25
C GLY B 100 8.58 18.81 -2.91
N LEU B 101 8.06 17.58 -2.90
CA LEU B 101 7.57 16.96 -1.68
C LEU B 101 8.60 16.05 -1.02
N ILE B 102 9.70 15.74 -1.70
CA ILE B 102 10.75 14.93 -1.06
C ILE B 102 11.29 15.62 0.19
N PRO B 103 11.60 16.92 0.16
CA PRO B 103 12.07 17.61 1.36
C PRO B 103 11.05 17.50 2.50
N LYS B 104 9.77 17.56 2.19
CA LYS B 104 8.69 17.50 3.20
C LYS B 104 8.64 16.09 3.80
N PHE B 105 8.78 15.05 2.98
CA PHE B 105 8.74 13.65 3.45
C PHE B 105 9.92 13.44 4.40
N VAL B 106 11.11 13.89 4.03
CA VAL B 106 12.32 13.72 4.88
C VAL B 106 12.04 14.42 6.21
N SER B 107 11.32 15.54 6.20
CA SER B 107 10.94 16.28 7.43
C SER B 107 9.99 15.43 8.26
N PHE B 108 9.02 14.79 7.63
CA PHE B 108 7.99 13.95 8.31
C PHE B 108 8.69 12.76 8.97
N LEU B 109 9.81 12.31 8.40
CA LEU B 109 10.58 11.16 8.96
C LEU B 109 11.10 11.55 10.35
N GLY B 110 11.10 12.84 10.68
CA GLY B 110 11.60 13.33 11.97
C GLY B 110 10.50 13.61 12.97
N LYS B 111 9.24 13.49 12.58
CA LYS B 111 8.08 13.75 13.47
C LYS B 111 7.84 12.53 14.36
N THR B 112 8.63 12.37 15.41
CA THR B 112 8.53 11.25 16.34
C THR B 112 7.17 11.19 17.01
N ASP B 113 6.48 12.33 17.13
CA ASP B 113 5.17 12.36 17.75
C ASP B 113 4.10 11.71 16.88
N CYS B 114 4.33 11.61 15.57
CA CYS B 114 3.35 11.06 14.63
C CYS B 114 4.02 9.91 13.88
N SER B 115 4.00 8.73 14.50
CA SER B 115 4.58 7.56 13.84
C SER B 115 3.84 7.18 12.55
N PRO B 116 2.53 7.38 12.42
CA PRO B 116 1.88 7.12 11.12
C PRO B 116 2.52 7.88 9.96
N ILE B 117 2.75 9.18 10.09
CA ILE B 117 3.31 10.00 8.96
C ILE B 117 4.76 9.56 8.75
N GLN B 118 5.43 9.11 9.81
CA GLN B 118 6.84 8.64 9.72
C GLN B 118 6.85 7.38 8.87
N PHE B 119 5.92 6.47 9.11
CA PHE B 119 5.83 5.24 8.33
C PHE B 119 5.46 5.52 6.89
N GLU B 120 4.45 6.37 6.67
CA GLU B 120 3.98 6.63 5.31
C GLU B 120 5.04 7.37 4.50
N SER B 121 5.76 8.29 5.14
CA SER B 121 6.80 9.12 4.50
C SER B 121 7.99 8.23 4.15
N ALA B 122 8.38 7.31 5.04
CA ALA B 122 9.41 6.32 4.74
C ALA B 122 8.99 5.45 3.57
N TRP B 123 7.73 5.03 3.55
CA TRP B 123 7.22 4.22 2.45
C TRP B 123 7.34 4.96 1.13
N ALA B 124 6.86 6.21 1.09
CA ALA B 124 6.87 6.96 -0.16
C ALA B 124 8.29 7.22 -0.64
N LEU B 125 9.19 7.61 0.25
CA LEU B 125 10.58 7.85 -0.14
C LEU B 125 11.26 6.55 -0.57
N THR B 126 10.92 5.43 0.07
CA THR B 126 11.45 4.14 -0.37
C THR B 126 11.01 3.85 -1.80
N ASN B 127 9.73 4.05 -2.10
CA ASN B 127 9.25 3.79 -3.45
C ASN B 127 9.91 4.73 -4.46
N ILE B 128 10.12 5.99 -4.07
CA ILE B 128 10.78 6.93 -4.98
C ILE B 128 12.22 6.50 -5.23
N ALA B 129 12.90 5.98 -4.20
CA ALA B 129 14.27 5.52 -4.33
C ALA B 129 14.37 4.17 -5.02
N SER B 130 13.26 3.45 -5.18
CA SER B 130 13.25 2.16 -5.86
C SER B 130 13.22 2.30 -7.39
N GLY B 131 13.39 3.51 -7.91
CA GLY B 131 13.30 3.73 -9.34
C GLY B 131 14.62 4.10 -9.98
N THR B 132 14.60 5.07 -10.89
CA THR B 132 15.79 5.46 -11.61
C THR B 132 16.86 5.99 -10.66
N SER B 133 18.09 6.06 -11.17
CA SER B 133 19.18 6.64 -10.38
C SER B 133 18.94 8.11 -10.13
N GLU B 134 18.22 8.80 -11.03
CA GLU B 134 17.93 10.21 -10.82
C GLU B 134 16.93 10.39 -9.68
N GLN B 135 15.94 9.51 -9.59
CA GLN B 135 14.98 9.59 -8.49
C GLN B 135 15.63 9.25 -7.15
N THR B 136 16.48 8.22 -7.12
CA THR B 136 17.22 7.91 -5.92
C THR B 136 18.13 9.07 -5.53
N LYS B 137 18.73 9.73 -6.52
CA LYS B 137 19.54 10.91 -6.23
C LYS B 137 18.69 12.04 -5.67
N ALA B 138 17.45 12.17 -6.15
CA ALA B 138 16.54 13.16 -5.59
C ALA B 138 16.28 12.88 -4.12
N VAL B 139 16.01 11.61 -3.78
CA VAL B 139 15.77 11.26 -2.39
C VAL B 139 17.02 11.51 -1.55
N VAL B 140 18.20 11.21 -2.10
CA VAL B 140 19.44 11.39 -1.35
C VAL B 140 19.70 12.88 -1.11
N ASP B 141 19.50 13.71 -2.14
CA ASP B 141 19.77 15.14 -2.00
C ASP B 141 18.84 15.80 -0.99
N GLY B 142 17.65 15.24 -0.79
CA GLY B 142 16.75 15.73 0.23
C GLY B 142 17.18 15.44 1.66
N GLY B 143 18.33 14.81 1.85
CA GLY B 143 18.78 14.46 3.18
C GLY B 143 18.08 13.26 3.76
N ALA B 144 17.71 12.28 2.91
CA ALA B 144 16.96 11.13 3.39
C ALA B 144 17.84 10.10 4.08
N ILE B 145 19.12 10.01 3.70
CA ILE B 145 20.01 9.02 4.30
C ILE B 145 20.16 9.26 5.80
N PRO B 146 20.55 10.45 6.27
CA PRO B 146 20.64 10.66 7.73
C PRO B 146 19.33 10.42 8.44
N ALA B 147 18.20 10.83 7.84
CA ALA B 147 16.91 10.64 8.48
C ALA B 147 16.59 9.16 8.64
N PHE B 148 16.85 8.35 7.61
CA PHE B 148 16.60 6.93 7.70
C PHE B 148 17.55 6.26 8.69
N ILE B 149 18.80 6.72 8.74
CA ILE B 149 19.75 6.15 9.70
C ILE B 149 19.29 6.45 11.12
N SER B 150 18.75 7.65 11.35
CA SER B 150 18.19 7.97 12.66
C SER B 150 16.94 7.17 12.94
N LEU B 151 16.14 6.90 11.92
CA LEU B 151 14.89 6.16 12.08
C LEU B 151 15.13 4.68 12.32
N LEU B 152 16.30 4.16 11.93
CA LEU B 152 16.60 2.76 12.19
C LEU B 152 16.37 2.38 13.65
N ALA B 153 16.54 3.34 14.57
CA ALA B 153 16.37 3.09 15.99
C ALA B 153 14.99 3.46 16.49
N SER B 154 14.01 3.55 15.60
CA SER B 154 12.65 3.90 16.01
C SER B 154 12.13 2.84 16.98
N PRO B 155 11.40 3.24 18.02
CA PRO B 155 10.78 2.24 18.90
C PRO B 155 9.80 1.35 18.19
N HIS B 156 9.27 1.76 17.04
CA HIS B 156 8.34 0.96 16.26
C HIS B 156 9.12 0.13 15.25
N ALA B 157 8.84 -1.17 15.21
CA ALA B 157 9.65 -2.08 14.39
C ALA B 157 9.38 -1.92 12.91
N HIS B 158 8.12 -1.63 12.52
CA HIS B 158 7.81 -1.52 11.10
C HIS B 158 8.50 -0.31 10.48
N ILE B 159 8.60 0.79 11.22
CA ILE B 159 9.29 1.96 10.70
C ILE B 159 10.79 1.69 10.58
N SER B 160 11.36 1.02 11.57
CA SER B 160 12.77 0.65 11.49
C SER B 160 13.03 -0.26 10.29
N GLU B 161 12.11 -1.19 10.03
CA GLU B 161 12.26 -2.06 8.86
C GLU B 161 12.17 -1.26 7.57
N GLN B 162 11.23 -0.32 7.49
CA GLN B 162 11.14 0.55 6.32
C GLN B 162 12.44 1.32 6.13
N ALA B 163 13.07 1.74 7.23
CA ALA B 163 14.34 2.45 7.12
C ALA B 163 15.45 1.55 6.59
N VAL B 164 15.53 0.32 7.11
CA VAL B 164 16.47 -0.66 6.57
C VAL B 164 16.26 -0.81 5.07
N TRP B 165 15.00 -0.96 4.66
CA TRP B 165 14.66 -1.15 3.26
C TRP B 165 15.11 0.04 2.42
N ALA B 166 14.82 1.25 2.88
CA ALA B 166 15.16 2.44 2.13
C ALA B 166 16.67 2.59 1.99
N LEU B 167 17.41 2.38 3.07
CA LEU B 167 18.86 2.45 2.98
C LEU B 167 19.42 1.38 2.07
N GLY B 168 18.80 0.20 2.04
CA GLY B 168 19.22 -0.82 1.09
C GLY B 168 19.01 -0.38 -0.34
N ASN B 169 17.84 0.20 -0.64
CA ASN B 169 17.59 0.73 -1.97
C ASN B 169 18.65 1.77 -2.35
N ILE B 170 18.90 2.71 -1.45
CA ILE B 170 19.86 3.77 -1.75
C ILE B 170 21.24 3.19 -2.01
N ALA B 171 21.66 2.21 -1.20
CA ALA B 171 22.99 1.64 -1.36
C ALA B 171 23.09 0.79 -2.63
N GLY B 172 21.97 0.21 -3.07
CA GLY B 172 21.98 -0.60 -4.28
C GLY B 172 22.10 0.20 -5.56
N ASP B 173 21.68 1.46 -5.54
CA ASP B 173 21.76 2.29 -6.73
C ASP B 173 23.17 2.30 -7.32
N GLY B 174 24.19 2.23 -6.47
CA GLY B 174 25.56 2.26 -6.94
C GLY B 174 26.52 2.48 -5.79
N SER B 175 27.80 2.49 -6.14
CA SER B 175 28.84 2.58 -5.12
C SER B 175 28.86 3.95 -4.45
N ALA B 176 28.48 5.00 -5.17
CA ALA B 176 28.52 6.34 -4.59
C ALA B 176 27.52 6.47 -3.44
N PHE B 177 26.25 6.14 -3.69
CA PHE B 177 25.26 6.21 -2.62
C PHE B 177 25.54 5.17 -1.54
N ARG B 178 26.15 4.05 -1.90
CA ARG B 178 26.57 3.08 -0.89
C ARG B 178 27.57 3.70 0.08
N ASP B 179 28.61 4.35 -0.47
CA ASP B 179 29.59 5.00 0.40
C ASP B 179 28.97 6.17 1.16
N LEU B 180 27.96 6.82 0.60
CA LEU B 180 27.24 7.85 1.34
C LEU B 180 26.55 7.26 2.56
N VAL B 181 25.78 6.19 2.35
CA VAL B 181 25.10 5.53 3.46
C VAL B 181 26.12 5.06 4.51
N ILE B 182 27.27 4.56 4.04
CA ILE B 182 28.28 4.07 4.97
C ILE B 182 28.88 5.21 5.78
N LYS B 183 29.15 6.34 5.12
CA LYS B 183 29.81 7.46 5.80
C LYS B 183 28.89 8.18 6.77
N HIS B 184 27.57 8.04 6.62
CA HIS B 184 26.65 8.62 7.58
C HIS B 184 26.40 7.72 8.77
N GLY B 185 26.96 6.52 8.79
CA GLY B 185 26.95 5.68 9.98
C GLY B 185 25.78 4.73 10.07
N ALA B 186 25.48 4.01 8.99
CA ALA B 186 24.39 3.04 9.00
C ALA B 186 24.84 1.65 9.42
N ILE B 187 26.10 1.31 9.15
CA ILE B 187 26.60 -0.03 9.47
C ILE B 187 26.46 -0.30 10.96
N ASP B 188 26.81 0.67 11.81
CA ASP B 188 26.76 0.45 13.25
C ASP B 188 25.37 0.06 13.72
N PRO B 189 24.32 0.86 13.48
CA PRO B 189 22.98 0.44 13.91
C PRO B 189 22.47 -0.80 13.21
N LEU B 190 22.69 -0.93 11.89
CA LEU B 190 22.20 -2.10 11.18
C LEU B 190 22.79 -3.37 11.77
N LEU B 191 24.09 -3.36 12.10
CA LEU B 191 24.71 -4.54 12.69
C LEU B 191 24.28 -4.71 14.14
N ALA B 192 24.00 -3.62 14.85
CA ALA B 192 23.46 -3.74 16.20
C ALA B 192 22.12 -4.47 16.18
N LEU B 193 21.35 -4.30 15.11
CA LEU B 193 20.07 -5.02 15.02
C LEU B 193 20.28 -6.52 14.95
N LEU B 194 21.35 -6.97 14.29
CA LEU B 194 21.65 -8.38 14.13
C LEU B 194 22.56 -8.92 15.23
N ALA B 195 22.78 -8.17 16.30
CA ALA B 195 23.70 -8.57 17.36
C ALA B 195 22.95 -9.24 18.52
N VAL B 196 22.28 -10.35 18.19
CA VAL B 196 21.54 -11.13 19.17
C VAL B 196 22.25 -12.46 19.38
N PRO B 197 22.06 -13.14 20.51
CA PRO B 197 22.68 -14.46 20.68
C PRO B 197 22.24 -15.47 19.64
N ASP B 198 20.95 -15.51 19.32
CA ASP B 198 20.39 -16.45 18.35
C ASP B 198 19.62 -15.65 17.30
N LEU B 199 20.06 -15.74 16.04
CA LEU B 199 19.43 -14.98 14.98
C LEU B 199 17.99 -15.41 14.71
N SER B 200 17.61 -16.61 15.16
CA SER B 200 16.23 -17.06 14.98
C SER B 200 15.26 -16.31 15.89
N THR B 201 15.77 -15.63 16.93
CA THR B 201 14.90 -14.87 17.81
C THR B 201 14.38 -13.60 17.14
N LEU B 202 15.08 -13.09 16.13
CA LEU B 202 14.64 -11.87 15.45
C LEU B 202 13.25 -12.08 14.86
N ALA B 203 12.56 -10.97 14.62
CA ALA B 203 11.18 -11.01 14.18
C ALA B 203 11.07 -11.61 12.78
N CYS B 204 9.83 -11.90 12.39
CA CYS B 204 9.54 -12.48 11.10
C CYS B 204 9.91 -11.51 9.98
N GLY B 205 10.83 -11.94 9.10
CA GLY B 205 11.21 -11.15 7.95
C GLY B 205 12.25 -10.08 8.22
N TYR B 206 12.52 -9.75 9.49
CA TYR B 206 13.52 -8.73 9.79
C TYR B 206 14.91 -9.20 9.34
N LEU B 207 15.23 -10.46 9.58
CA LEU B 207 16.56 -10.97 9.25
C LEU B 207 16.80 -10.93 7.74
N ARG B 208 15.80 -11.35 6.95
CA ARG B 208 15.97 -11.33 5.50
C ARG B 208 16.22 -9.92 4.99
N ASN B 209 15.43 -8.95 5.48
CA ASN B 209 15.58 -7.57 5.01
C ASN B 209 16.93 -7.00 5.41
N LEU B 210 17.34 -7.21 6.66
CA LEU B 210 18.63 -6.71 7.10
C LEU B 210 19.77 -7.35 6.31
N THR B 211 19.66 -8.65 6.03
CA THR B 211 20.71 -9.33 5.26
C THR B 211 20.78 -8.78 3.85
N TRP B 212 19.63 -8.50 3.22
CA TRP B 212 19.65 -7.93 1.88
C TRP B 212 20.28 -6.55 1.89
N THR B 213 19.92 -5.70 2.86
CA THR B 213 20.51 -4.37 2.92
C THR B 213 22.02 -4.44 3.15
N LEU B 214 22.46 -5.33 4.04
CA LEU B 214 23.90 -5.52 4.22
C LEU B 214 24.56 -5.97 2.93
N SER B 215 23.93 -6.90 2.22
CA SER B 215 24.47 -7.34 0.93
C SER B 215 24.69 -6.16 0.01
N ASN B 216 23.68 -5.28 -0.08
CA ASN B 216 23.83 -4.11 -0.93
C ASN B 216 24.92 -3.18 -0.42
N LEU B 217 25.19 -3.19 0.89
CA LEU B 217 26.29 -2.40 1.44
C LEU B 217 27.66 -3.01 1.14
N CYS B 218 27.72 -4.27 0.72
CA CYS B 218 28.97 -4.90 0.29
C CYS B 218 29.07 -5.01 -1.23
N ARG B 219 28.14 -4.42 -1.95
CA ARG B 219 27.99 -4.62 -3.39
C ARG B 219 28.66 -3.49 -4.17
N ASN B 220 28.80 -3.72 -5.47
CA ASN B 220 29.31 -2.70 -6.39
C ASN B 220 30.80 -2.44 -6.17
N LYS B 221 31.46 -1.90 -7.19
CA LYS B 221 32.89 -1.61 -7.12
C LYS B 221 33.17 -0.34 -7.92
N ASN B 222 34.44 0.07 -7.94
CA ASN B 222 34.84 1.31 -8.59
C ASN B 222 34.02 2.47 -8.05
N PRO B 223 34.23 2.88 -6.80
CA PRO B 223 35.18 2.32 -5.83
C PRO B 223 34.59 1.13 -5.08
N ALA B 224 35.44 0.25 -4.55
CA ALA B 224 34.95 -0.86 -3.75
C ALA B 224 34.65 -0.39 -2.33
N PRO B 225 33.84 -1.13 -1.59
CA PRO B 225 33.46 -0.70 -0.23
C PRO B 225 34.68 -0.38 0.60
N PRO B 226 34.56 0.56 1.55
CA PRO B 226 35.71 0.87 2.41
C PRO B 226 36.16 -0.35 3.19
N LEU B 227 37.48 -0.56 3.22
CA LEU B 227 38.04 -1.72 3.93
C LEU B 227 37.55 -1.78 5.37
N ASP B 228 37.43 -0.61 6.02
CA ASP B 228 36.95 -0.58 7.40
C ASP B 228 35.51 -1.10 7.49
N ALA B 229 34.67 -0.70 6.54
CA ALA B 229 33.29 -1.20 6.52
C ALA B 229 33.25 -2.70 6.29
N VAL B 230 34.13 -3.21 5.42
CA VAL B 230 34.18 -4.65 5.17
C VAL B 230 34.55 -5.39 6.44
N GLU B 231 35.59 -4.91 7.13
CA GLU B 231 35.99 -5.55 8.39
C GLU B 231 34.87 -5.44 9.43
N GLN B 232 34.12 -4.35 9.42
CA GLN B 232 33.04 -4.18 10.39
C GLN B 232 31.90 -5.14 10.12
N ILE B 233 31.61 -5.40 8.85
CA ILE B 233 30.46 -6.24 8.50
C ILE B 233 30.77 -7.72 8.42
N LEU B 234 32.03 -8.09 8.20
CA LEU B 234 32.34 -9.49 7.86
C LEU B 234 31.92 -10.49 8.92
N PRO B 235 32.08 -10.24 10.23
CA PRO B 235 31.66 -11.26 11.21
C PRO B 235 30.17 -11.53 11.18
N THR B 236 29.35 -10.48 11.10
CA THR B 236 27.92 -10.67 10.96
C THR B 236 27.60 -11.43 9.67
N LEU B 237 28.36 -11.17 8.60
CA LEU B 237 28.15 -11.89 7.36
C LEU B 237 28.45 -13.37 7.52
N VAL B 238 29.48 -13.71 8.29
CA VAL B 238 29.78 -15.11 8.59
C VAL B 238 28.60 -15.74 9.32
N ARG B 239 28.19 -15.10 10.42
CA ARG B 239 27.03 -15.60 11.16
C ARG B 239 25.86 -15.89 10.23
N LEU B 240 25.55 -14.94 9.35
CA LEU B 240 24.42 -15.10 8.44
C LEU B 240 24.66 -16.20 7.43
N LEU B 241 25.91 -16.37 6.98
CA LEU B 241 26.25 -17.44 6.06
C LEU B 241 26.10 -18.80 6.71
N HIS B 242 26.07 -18.86 8.05
CA HIS B 242 25.81 -20.11 8.74
C HIS B 242 24.37 -20.20 9.26
N HIS B 243 23.44 -19.46 8.67
CA HIS B 243 22.06 -19.48 9.11
C HIS B 243 21.24 -20.48 8.29
N ASN B 244 20.09 -20.87 8.84
CA ASN B 244 19.28 -21.94 8.26
C ASN B 244 18.30 -21.45 7.21
N ASP B 245 18.04 -20.16 7.14
CA ASP B 245 17.10 -19.64 6.15
C ASP B 245 17.73 -19.65 4.76
N PRO B 246 17.02 -20.12 3.73
CA PRO B 246 17.66 -20.15 2.40
C PRO B 246 17.89 -18.78 1.81
N GLU B 247 17.02 -17.81 2.08
CA GLU B 247 17.21 -16.47 1.51
C GLU B 247 18.34 -15.73 2.22
N VAL B 248 18.44 -15.88 3.53
CA VAL B 248 19.58 -15.31 4.25
C VAL B 248 20.87 -15.88 3.71
N LEU B 249 20.92 -17.21 3.51
CA LEU B 249 22.11 -17.84 2.96
C LEU B 249 22.42 -17.31 1.57
N ALA B 250 21.40 -17.18 0.72
CA ALA B 250 21.62 -16.71 -0.64
C ALA B 250 22.18 -15.30 -0.66
N ASP B 251 21.56 -14.39 0.09
CA ASP B 251 22.02 -13.01 0.09
C ASP B 251 23.38 -12.87 0.76
N SER B 252 23.68 -13.71 1.76
CA SER B 252 25.00 -13.68 2.37
C SER B 252 26.07 -14.17 1.40
N CYS B 253 25.78 -15.24 0.65
CA CYS B 253 26.73 -15.71 -0.36
C CYS B 253 26.92 -14.66 -1.44
N TRP B 254 25.85 -13.95 -1.81
CA TRP B 254 26.00 -12.86 -2.79
C TRP B 254 26.88 -11.74 -2.23
N ALA B 255 26.72 -11.41 -0.95
CA ALA B 255 27.58 -10.41 -0.34
C ALA B 255 29.03 -10.85 -0.34
N ILE B 256 29.28 -12.12 -0.02
CA ILE B 256 30.65 -12.61 -0.01
C ILE B 256 31.20 -12.66 -1.44
N SER B 257 30.35 -12.92 -2.43
CA SER B 257 30.80 -12.86 -3.81
C SER B 257 31.19 -11.45 -4.20
N TYR B 258 30.41 -10.45 -3.79
CA TYR B 258 30.79 -9.06 -3.99
C TYR B 258 32.14 -8.77 -3.35
N LEU B 259 32.32 -9.20 -2.09
CA LEU B 259 33.52 -8.87 -1.35
C LEU B 259 34.75 -9.58 -1.92
N THR B 260 34.58 -10.77 -2.47
CA THR B 260 35.70 -11.52 -3.05
C THR B 260 35.97 -11.15 -4.50
N ASP B 261 35.11 -10.35 -5.12
CA ASP B 261 35.30 -9.92 -6.51
C ASP B 261 36.15 -8.65 -6.50
N GLY B 262 37.46 -8.85 -6.41
CA GLY B 262 38.40 -7.75 -6.37
C GLY B 262 39.82 -8.19 -6.14
N PRO B 263 40.66 -7.28 -5.63
CA PRO B 263 42.06 -7.63 -5.40
C PRO B 263 42.22 -8.82 -4.46
N ASN B 264 43.41 -9.41 -4.49
CA ASN B 264 43.69 -10.55 -3.62
C ASN B 264 43.69 -10.16 -2.14
N GLU B 265 43.89 -8.88 -1.82
CA GLU B 265 43.84 -8.46 -0.43
C GLU B 265 42.44 -8.63 0.15
N ARG B 266 41.41 -8.30 -0.61
CA ARG B 266 40.04 -8.47 -0.13
C ARG B 266 39.65 -9.95 -0.09
N ILE B 267 40.10 -10.72 -1.08
CA ILE B 267 39.92 -12.16 -1.02
C ILE B 267 40.54 -12.72 0.25
N GLU B 268 41.72 -12.23 0.62
CA GLU B 268 42.37 -12.68 1.85
C GLU B 268 41.58 -12.26 3.08
N MET B 269 41.07 -11.04 3.09
CA MET B 269 40.19 -10.61 4.17
C MET B 269 39.05 -11.60 4.36
N VAL B 270 38.39 -11.98 3.27
CA VAL B 270 37.25 -12.88 3.37
C VAL B 270 37.71 -14.27 3.81
N VAL B 271 38.84 -14.74 3.29
CA VAL B 271 39.28 -16.10 3.57
C VAL B 271 39.73 -16.26 5.01
N LYS B 272 40.32 -15.21 5.60
CA LYS B 272 40.82 -15.32 6.97
C LYS B 272 39.71 -15.67 7.96
N LYS B 273 38.45 -15.42 7.61
CA LYS B 273 37.32 -15.75 8.48
C LYS B 273 36.93 -17.22 8.40
N GLY B 274 37.63 -18.03 7.61
CA GLY B 274 37.34 -19.45 7.54
C GLY B 274 36.00 -19.80 6.95
N VAL B 275 35.53 -19.00 5.97
CA VAL B 275 34.23 -19.24 5.37
C VAL B 275 34.29 -20.15 4.15
N VAL B 276 35.48 -20.44 3.64
CA VAL B 276 35.58 -21.27 2.43
C VAL B 276 34.94 -22.63 2.63
N PRO B 277 35.11 -23.32 3.76
CA PRO B 277 34.40 -24.60 3.95
C PRO B 277 32.89 -24.47 3.86
N GLN B 278 32.32 -23.46 4.52
CA GLN B 278 30.87 -23.25 4.42
C GLN B 278 30.47 -22.90 3.00
N LEU B 279 31.31 -22.16 2.29
CA LEU B 279 31.01 -21.83 0.90
C LEU B 279 30.97 -23.08 0.04
N VAL B 280 31.92 -24.00 0.26
CA VAL B 280 31.91 -25.26 -0.50
C VAL B 280 30.71 -26.10 -0.12
N LYS B 281 30.34 -26.10 1.17
CA LYS B 281 29.14 -26.83 1.59
C LYS B 281 27.90 -26.29 0.89
N LEU B 282 27.76 -24.97 0.81
CA LEU B 282 26.65 -24.38 0.09
C LEU B 282 26.76 -24.59 -1.41
N LEU B 283 27.97 -24.80 -1.93
CA LEU B 283 28.16 -25.07 -3.35
C LEU B 283 27.50 -26.38 -3.74
N GLY B 284 27.35 -27.31 -2.81
CA GLY B 284 26.73 -28.59 -3.09
C GLY B 284 25.29 -28.65 -2.64
N ALA B 285 24.66 -27.49 -2.46
CA ALA B 285 23.27 -27.44 -2.04
C ALA B 285 22.35 -27.78 -3.20
N THR B 286 21.09 -28.06 -2.87
CA THR B 286 20.10 -28.36 -3.90
C THR B 286 19.48 -27.10 -4.47
N GLU B 287 19.37 -26.05 -3.66
CA GLU B 287 18.76 -24.80 -4.09
C GLU B 287 19.73 -24.04 -5.00
N LEU B 288 19.33 -23.83 -6.25
CA LEU B 288 20.16 -23.04 -7.16
C LEU B 288 20.40 -21.64 -6.65
N PRO B 289 19.45 -20.96 -6.01
CA PRO B 289 19.74 -19.62 -5.46
C PRO B 289 20.88 -19.61 -4.46
N ILE B 290 21.24 -20.77 -3.90
CA ILE B 290 22.36 -20.87 -2.98
C ILE B 290 23.62 -21.34 -3.70
N VAL B 291 23.48 -22.23 -4.68
CA VAL B 291 24.64 -22.75 -5.39
C VAL B 291 25.25 -21.67 -6.29
N THR B 292 24.40 -20.88 -6.95
CA THR B 292 24.91 -19.84 -7.84
C THR B 292 25.81 -18.85 -7.12
N PRO B 293 25.38 -18.18 -6.04
CA PRO B 293 26.29 -17.26 -5.36
C PRO B 293 27.48 -17.96 -4.72
N ALA B 294 27.26 -19.17 -4.18
CA ALA B 294 28.39 -19.93 -3.63
C ALA B 294 29.43 -20.22 -4.71
N LEU B 295 28.98 -20.60 -5.91
CA LEU B 295 29.90 -20.86 -7.00
C LEU B 295 30.63 -19.59 -7.41
N ARG B 296 29.91 -18.46 -7.50
CA ARG B 296 30.56 -17.21 -7.84
C ARG B 296 31.62 -16.84 -6.82
N ALA B 297 31.32 -17.04 -5.54
CA ALA B 297 32.28 -16.70 -4.49
C ALA B 297 33.50 -17.60 -4.56
N ILE B 298 33.29 -18.91 -4.71
CA ILE B 298 34.43 -19.83 -4.83
C ILE B 298 35.28 -19.48 -6.03
N GLY B 299 34.64 -19.12 -7.15
CA GLY B 299 35.37 -18.70 -8.33
C GLY B 299 36.23 -17.48 -8.06
N ASN B 300 35.61 -16.41 -7.58
CA ASN B 300 36.37 -15.20 -7.27
C ASN B 300 37.50 -15.48 -6.29
N ILE B 301 37.30 -16.42 -5.37
CA ILE B 301 38.35 -16.74 -4.41
C ILE B 301 39.52 -17.43 -5.12
N VAL B 302 39.23 -18.38 -6.02
CA VAL B 302 40.30 -19.05 -6.74
C VAL B 302 40.91 -18.16 -7.82
N THR B 303 40.34 -16.98 -8.09
CA THR B 303 41.02 -16.04 -8.96
C THR B 303 42.22 -15.37 -8.28
N GLY B 304 42.48 -15.65 -7.02
CA GLY B 304 43.55 -15.01 -6.26
C GLY B 304 44.81 -15.85 -6.21
N THR B 305 45.51 -15.74 -5.08
CA THR B 305 46.77 -16.45 -4.91
C THR B 305 46.56 -17.96 -5.02
N ASP B 306 47.66 -18.67 -5.27
CA ASP B 306 47.61 -20.13 -5.28
C ASP B 306 47.33 -20.69 -3.89
N GLU B 307 47.66 -19.95 -2.82
CA GLU B 307 47.34 -20.42 -1.48
C GLU B 307 45.84 -20.35 -1.21
N GLN B 308 45.18 -19.28 -1.67
CA GLN B 308 43.73 -19.20 -1.54
C GLN B 308 43.04 -20.27 -2.39
N THR B 309 43.55 -20.50 -3.61
CA THR B 309 43.01 -21.55 -4.45
C THR B 309 43.21 -22.92 -3.79
N GLN B 310 44.34 -23.11 -3.11
CA GLN B 310 44.57 -24.38 -2.42
C GLN B 310 43.66 -24.53 -1.20
N LYS B 311 43.33 -23.42 -0.53
CA LYS B 311 42.35 -23.50 0.55
C LYS B 311 40.98 -23.89 0.01
N VAL B 312 40.62 -23.35 -1.16
CA VAL B 312 39.37 -23.77 -1.80
C VAL B 312 39.41 -25.26 -2.11
N ILE B 313 40.54 -25.74 -2.66
CA ILE B 313 40.66 -27.15 -3.02
C ILE B 313 40.57 -28.02 -1.79
N ASP B 314 41.25 -27.63 -0.71
CA ASP B 314 41.24 -28.43 0.52
C ASP B 314 39.87 -28.44 1.17
N ALA B 315 39.09 -27.38 0.98
CA ALA B 315 37.71 -27.39 1.47
C ALA B 315 36.89 -28.50 0.82
N GLY B 316 37.32 -29.01 -0.32
CA GLY B 316 36.63 -30.06 -1.03
C GLY B 316 35.78 -29.60 -2.19
N ALA B 317 36.12 -28.49 -2.84
CA ALA B 317 35.27 -27.94 -3.89
C ALA B 317 35.28 -28.80 -5.14
N LEU B 318 36.44 -29.38 -5.48
CA LEU B 318 36.54 -30.13 -6.73
C LEU B 318 35.49 -31.24 -6.80
N ALA B 319 35.26 -31.94 -5.69
CA ALA B 319 34.30 -33.04 -5.69
C ALA B 319 32.90 -32.59 -6.11
N VAL B 320 32.58 -31.30 -5.95
CA VAL B 320 31.26 -30.82 -6.33
C VAL B 320 31.18 -30.46 -7.81
N PHE B 321 32.31 -30.22 -8.47
CA PHE B 321 32.30 -29.69 -9.82
C PHE B 321 31.76 -30.67 -10.86
N PRO B 322 31.97 -31.98 -10.71
CA PRO B 322 31.30 -32.92 -11.60
C PRO B 322 29.81 -32.65 -11.77
N SER B 323 29.11 -32.30 -10.68
CA SER B 323 27.69 -32.00 -10.78
C SER B 323 27.45 -30.60 -11.34
N LEU B 324 28.34 -29.65 -11.05
CA LEU B 324 28.18 -28.30 -11.58
C LEU B 324 28.44 -28.27 -13.08
N LEU B 325 29.49 -28.96 -13.55
CA LEU B 325 29.80 -28.98 -14.96
C LEU B 325 28.77 -29.75 -15.78
N THR B 326 27.98 -30.60 -15.15
CA THR B 326 26.90 -31.33 -15.82
C THR B 326 25.53 -30.77 -15.44
N ASN B 327 25.49 -29.57 -14.87
CA ASN B 327 24.23 -28.98 -14.45
C ASN B 327 23.42 -28.57 -15.67
N PRO B 328 22.11 -28.83 -15.69
CA PRO B 328 21.31 -28.40 -16.84
C PRO B 328 21.35 -26.91 -17.09
N LYS B 329 21.37 -26.11 -16.02
CA LYS B 329 21.50 -24.66 -16.15
C LYS B 329 22.81 -24.31 -16.84
N THR B 330 22.74 -23.45 -17.85
CA THR B 330 23.93 -23.11 -18.62
C THR B 330 24.87 -22.20 -17.84
N ASN B 331 24.33 -21.29 -17.03
CA ASN B 331 25.18 -20.40 -16.25
C ASN B 331 26.01 -21.18 -15.24
N ILE B 332 25.45 -22.22 -14.64
CA ILE B 332 26.21 -23.03 -13.70
C ILE B 332 27.39 -23.69 -14.43
N GLN B 333 27.14 -24.25 -15.60
CA GLN B 333 28.21 -24.85 -16.39
C GLN B 333 29.29 -23.82 -16.72
N LYS B 334 28.87 -22.65 -17.18
CA LYS B 334 29.84 -21.62 -17.59
C LYS B 334 30.69 -21.18 -16.40
N GLU B 335 30.06 -20.92 -15.25
CA GLU B 335 30.80 -20.46 -14.08
C GLU B 335 31.70 -21.56 -13.54
N ALA B 336 31.24 -22.81 -13.56
CA ALA B 336 32.09 -23.91 -13.11
C ALA B 336 33.29 -24.09 -14.02
N THR B 337 33.10 -23.92 -15.33
CA THR B 337 34.22 -24.05 -16.25
C THR B 337 35.19 -22.89 -16.09
N TRP B 338 34.69 -21.69 -15.81
CA TRP B 338 35.56 -20.56 -15.53
C TRP B 338 36.37 -20.79 -14.25
N THR B 339 35.71 -21.31 -13.21
CA THR B 339 36.43 -21.64 -11.98
C THR B 339 37.47 -22.73 -12.23
N MET B 340 37.15 -23.71 -13.09
CA MET B 340 38.13 -24.72 -13.43
C MET B 340 39.31 -24.13 -14.19
N SER B 341 39.05 -23.16 -15.07
CA SER B 341 40.14 -22.51 -15.79
C SER B 341 41.05 -21.75 -14.83
N ASN B 342 40.46 -21.15 -13.79
CA ASN B 342 41.28 -20.48 -12.78
C ASN B 342 42.03 -21.46 -11.90
N ILE B 343 41.45 -22.65 -11.66
CA ILE B 343 42.14 -23.65 -10.85
C ILE B 343 43.32 -24.24 -11.61
N THR B 344 43.08 -24.66 -12.86
CA THR B 344 44.14 -25.23 -13.69
C THR B 344 45.23 -24.22 -14.03
N ALA B 345 45.01 -22.94 -13.74
CA ALA B 345 46.03 -21.91 -13.93
C ALA B 345 46.95 -21.79 -12.73
N GLY B 346 46.85 -22.70 -11.76
CA GLY B 346 47.61 -22.66 -10.54
C GLY B 346 48.83 -23.55 -10.58
N ARG B 347 49.18 -24.10 -9.42
CA ARG B 347 50.38 -24.90 -9.29
C ARG B 347 50.21 -26.25 -9.97
N GLN B 348 51.34 -26.94 -10.17
CA GLN B 348 51.29 -28.26 -10.81
C GLN B 348 50.58 -29.27 -9.93
N ASP B 349 50.76 -29.17 -8.61
CA ASP B 349 50.04 -30.08 -7.72
C ASP B 349 48.55 -29.82 -7.76
N GLN B 350 48.12 -28.58 -8.00
CA GLN B 350 46.70 -28.29 -8.12
C GLN B 350 46.12 -28.85 -9.41
N ILE B 351 46.86 -28.72 -10.51
CA ILE B 351 46.47 -29.38 -11.76
C ILE B 351 46.38 -30.89 -11.53
N GLN B 352 47.32 -31.44 -10.76
CA GLN B 352 47.31 -32.87 -10.48
C GLN B 352 46.09 -33.27 -9.67
N GLN B 353 45.68 -32.42 -8.72
CA GLN B 353 44.47 -32.71 -7.96
C GLN B 353 43.24 -32.62 -8.84
N VAL B 354 43.23 -31.70 -9.80
CA VAL B 354 42.16 -31.68 -10.79
C VAL B 354 42.12 -33.00 -11.55
N VAL B 355 43.29 -33.49 -11.96
CA VAL B 355 43.37 -34.75 -12.71
C VAL B 355 42.86 -35.91 -11.86
N ASN B 356 43.25 -35.95 -10.59
CA ASN B 356 42.92 -37.08 -9.74
C ASN B 356 41.42 -37.21 -9.52
N HIS B 357 40.69 -36.10 -9.58
CA HIS B 357 39.24 -36.12 -9.43
C HIS B 357 38.53 -36.46 -10.74
N GLY B 358 39.27 -36.82 -11.79
CA GLY B 358 38.64 -37.17 -13.06
C GLY B 358 37.87 -36.03 -13.68
N LEU B 359 38.38 -34.81 -13.58
CA LEU B 359 37.70 -33.65 -14.12
C LEU B 359 38.13 -33.30 -15.54
N VAL B 360 39.28 -33.83 -15.99
CA VAL B 360 39.73 -33.55 -17.36
C VAL B 360 38.70 -34.05 -18.37
N PRO B 361 38.12 -35.25 -18.23
CA PRO B 361 37.03 -35.63 -19.14
C PRO B 361 35.91 -34.61 -19.22
N PHE B 362 35.53 -34.02 -18.08
CA PHE B 362 34.47 -33.03 -18.09
C PHE B 362 34.87 -31.78 -18.86
N LEU B 363 36.12 -31.35 -18.71
CA LEU B 363 36.60 -30.19 -19.47
C LEU B 363 36.58 -30.48 -20.96
N VAL B 364 37.07 -31.66 -21.36
CA VAL B 364 37.03 -32.05 -22.77
C VAL B 364 35.59 -32.05 -23.26
N GLY B 365 34.66 -32.59 -22.45
CA GLY B 365 33.28 -32.65 -22.86
C GLY B 365 32.67 -31.28 -23.08
N VAL B 366 32.91 -30.36 -22.15
CA VAL B 366 32.35 -29.01 -22.31
C VAL B 366 32.98 -28.32 -23.51
N LEU B 367 34.27 -28.56 -23.77
CA LEU B 367 34.90 -27.97 -24.94
C LEU B 367 34.33 -28.56 -26.23
N SER B 368 33.87 -29.80 -26.19
CA SER B 368 33.31 -30.42 -27.39
C SER B 368 31.84 -30.08 -27.58
N LYS B 369 31.05 -30.08 -26.51
CA LYS B 369 29.61 -29.89 -26.60
C LYS B 369 29.16 -28.93 -25.50
N ALA B 370 28.91 -27.68 -25.88
CA ALA B 370 28.40 -26.68 -24.94
C ALA B 370 28.18 -25.36 -25.67
N ASP B 371 27.66 -24.36 -24.95
CA ASP B 371 27.54 -23.03 -25.52
C ASP B 371 28.91 -22.49 -25.88
N PHE B 372 28.94 -21.48 -26.75
CA PHE B 372 30.21 -20.87 -27.11
C PHE B 372 30.86 -20.19 -25.92
N LYS B 373 30.05 -19.70 -24.96
CA LYS B 373 30.62 -19.11 -23.76
C LYS B 373 31.31 -20.16 -22.91
N THR B 374 30.59 -21.24 -22.57
CA THR B 374 31.20 -22.33 -21.82
C THR B 374 32.37 -22.92 -22.59
N GLN B 375 32.28 -22.97 -23.92
CA GLN B 375 33.37 -23.51 -24.72
C GLN B 375 34.61 -22.61 -24.65
N LYS B 376 34.41 -21.29 -24.65
CA LYS B 376 35.55 -20.38 -24.51
C LYS B 376 36.19 -20.54 -23.13
N GLU B 377 35.37 -20.64 -22.09
CA GLU B 377 35.93 -20.87 -20.75
C GLU B 377 36.71 -22.18 -20.70
N ALA B 378 36.18 -23.23 -21.33
CA ALA B 378 36.85 -24.52 -21.33
C ALA B 378 38.16 -24.45 -22.11
N ALA B 379 38.18 -23.72 -23.22
CA ALA B 379 39.42 -23.55 -23.97
C ALA B 379 40.46 -22.82 -23.14
N TRP B 380 40.05 -21.78 -22.41
CA TRP B 380 40.97 -21.12 -21.50
C TRP B 380 41.51 -22.09 -20.46
N ALA B 381 40.63 -22.92 -19.90
CA ALA B 381 41.06 -23.89 -18.89
C ALA B 381 42.08 -24.86 -19.47
N ILE B 382 41.84 -25.36 -20.68
CA ILE B 382 42.76 -26.30 -21.32
C ILE B 382 44.10 -25.64 -21.59
N THR B 383 44.07 -24.39 -22.07
CA THR B 383 45.31 -23.69 -22.36
C THR B 383 46.12 -23.46 -21.08
N ASN B 384 45.45 -23.12 -19.98
CA ASN B 384 46.17 -22.98 -18.72
C ASN B 384 46.74 -24.32 -18.26
N TYR B 385 45.93 -25.39 -18.34
CA TYR B 385 46.40 -26.73 -18.00
C TYR B 385 47.68 -27.06 -18.74
N THR B 386 47.71 -26.79 -20.05
CA THR B 386 48.89 -27.13 -20.85
C THR B 386 50.04 -26.16 -20.59
N SER B 387 49.73 -24.92 -20.18
CA SER B 387 50.78 -23.95 -19.93
C SER B 387 51.53 -24.26 -18.64
N GLY B 388 50.81 -24.75 -17.62
CA GLY B 388 51.43 -24.98 -16.33
C GLY B 388 51.55 -26.43 -15.93
N GLY B 389 51.08 -27.33 -16.79
CA GLY B 389 51.08 -28.74 -16.43
C GLY B 389 52.39 -29.43 -16.72
N THR B 390 52.62 -30.52 -15.98
CA THR B 390 53.79 -31.36 -16.23
C THR B 390 53.62 -32.08 -17.56
N VAL B 391 54.75 -32.49 -18.14
CA VAL B 391 54.70 -33.22 -19.41
C VAL B 391 53.79 -34.43 -19.28
N GLU B 392 53.87 -35.12 -18.14
CA GLU B 392 52.97 -36.26 -17.90
C GLU B 392 51.51 -35.81 -17.90
N GLN B 393 51.22 -34.66 -17.30
CA GLN B 393 49.85 -34.16 -17.29
C GLN B 393 49.38 -33.77 -18.68
N ILE B 394 50.26 -33.19 -19.50
CA ILE B 394 49.88 -32.80 -20.84
C ILE B 394 49.62 -34.04 -21.71
N VAL B 395 50.41 -35.10 -21.52
CA VAL B 395 50.15 -36.31 -22.29
C VAL B 395 48.88 -37.00 -21.78
N TYR B 396 48.59 -36.91 -20.48
CA TYR B 396 47.31 -37.40 -19.99
C TYR B 396 46.15 -36.64 -20.65
N LEU B 397 46.29 -35.33 -20.76
CA LEU B 397 45.28 -34.52 -21.46
C LEU B 397 45.11 -35.01 -22.90
N VAL B 398 46.22 -35.21 -23.61
CA VAL B 398 46.16 -35.73 -24.97
C VAL B 398 45.40 -37.06 -25.00
N HIS B 399 45.70 -37.94 -24.04
CA HIS B 399 45.03 -39.24 -24.00
C HIS B 399 43.53 -39.07 -23.81
N CYS B 400 43.12 -38.12 -22.98
CA CYS B 400 41.70 -37.92 -22.72
C CYS B 400 40.92 -37.43 -23.93
N GLY B 401 41.61 -37.03 -25.01
CA GLY B 401 40.94 -36.68 -26.25
C GLY B 401 40.73 -35.19 -26.42
N ILE B 402 41.73 -34.40 -26.05
CA ILE B 402 41.59 -32.94 -26.17
C ILE B 402 41.81 -32.50 -27.62
N ILE B 403 42.65 -33.22 -28.37
CA ILE B 403 43.09 -32.73 -29.67
C ILE B 403 41.90 -32.46 -30.58
N GLU B 404 40.93 -33.38 -30.61
CA GLU B 404 39.82 -33.24 -31.55
C GLU B 404 38.98 -32.00 -31.27
N PRO B 405 38.34 -31.85 -30.09
CA PRO B 405 37.57 -30.62 -29.86
C PRO B 405 38.43 -29.37 -29.92
N LEU B 406 39.64 -29.43 -29.36
CA LEU B 406 40.55 -28.29 -29.38
C LEU B 406 40.73 -27.77 -30.80
N MET B 407 40.99 -28.68 -31.74
CA MET B 407 41.13 -28.26 -33.13
C MET B 407 39.81 -27.84 -33.73
N ASN B 408 38.71 -28.52 -33.35
CA ASN B 408 37.40 -28.19 -33.88
C ASN B 408 36.99 -26.77 -33.53
N LEU B 409 37.53 -26.20 -32.45
CA LEU B 409 37.16 -24.85 -32.08
C LEU B 409 37.92 -23.78 -32.84
N LEU B 410 39.05 -24.12 -33.47
CA LEU B 410 39.79 -23.13 -34.24
C LEU B 410 39.00 -22.63 -35.46
N SER B 411 37.94 -23.32 -35.85
CA SER B 411 37.07 -22.87 -36.93
C SER B 411 35.92 -22.02 -36.41
N ALA B 412 36.25 -21.08 -35.52
CA ALA B 412 35.29 -20.20 -34.88
C ALA B 412 35.56 -18.75 -35.30
N LYS B 413 34.75 -17.83 -34.76
CA LYS B 413 34.85 -16.42 -35.09
C LYS B 413 35.67 -15.62 -34.09
N ASP B 414 35.72 -16.05 -32.83
CA ASP B 414 36.44 -15.32 -31.79
C ASP B 414 37.94 -15.50 -32.00
N THR B 415 38.59 -14.48 -32.55
CA THR B 415 40.03 -14.55 -32.77
C THR B 415 40.78 -14.79 -31.47
N LYS B 416 40.27 -14.27 -30.35
CA LYS B 416 40.92 -14.50 -29.06
C LYS B 416 40.88 -15.98 -28.69
N ILE B 417 39.72 -16.61 -28.84
CA ILE B 417 39.61 -18.04 -28.55
C ILE B 417 40.52 -18.83 -29.47
N ILE B 418 40.63 -18.40 -30.73
CA ILE B 418 41.52 -19.08 -31.68
C ILE B 418 42.96 -19.00 -31.19
N GLN B 419 43.40 -17.81 -30.78
CA GLN B 419 44.77 -17.64 -30.30
C GLN B 419 45.02 -18.47 -29.06
N VAL B 420 44.04 -18.54 -28.15
CA VAL B 420 44.17 -19.34 -26.95
C VAL B 420 44.34 -20.82 -27.31
N ILE B 421 43.47 -21.31 -28.20
CA ILE B 421 43.54 -22.69 -28.64
C ILE B 421 44.90 -22.98 -29.27
N LEU B 422 45.42 -22.04 -30.06
CA LEU B 422 46.70 -22.26 -30.73
C LEU B 422 47.84 -22.32 -29.73
N ASP B 423 47.83 -21.43 -28.72
CA ASP B 423 48.84 -21.49 -27.68
C ASP B 423 48.79 -22.83 -26.95
N ALA B 424 47.58 -23.32 -26.67
CA ALA B 424 47.45 -24.63 -26.05
C ALA B 424 48.07 -25.72 -26.90
N ILE B 425 47.72 -25.73 -28.19
CA ILE B 425 48.28 -26.74 -29.10
C ILE B 425 49.80 -26.67 -29.12
N SER B 426 50.36 -25.45 -29.10
CA SER B 426 51.80 -25.31 -29.11
C SER B 426 52.43 -25.88 -27.85
N ASN B 427 51.81 -25.62 -26.69
CA ASN B 427 52.33 -26.19 -25.45
C ASN B 427 52.28 -27.71 -25.48
N ILE B 428 51.22 -28.28 -26.05
CA ILE B 428 51.12 -29.73 -26.13
C ILE B 428 52.22 -30.29 -27.04
N PHE B 429 52.46 -29.64 -28.17
CA PHE B 429 53.54 -30.09 -29.05
C PHE B 429 54.90 -29.96 -28.39
N GLN B 430 55.08 -28.94 -27.54
CA GLN B 430 56.34 -28.82 -26.80
C GLN B 430 56.50 -29.98 -25.81
N ALA B 431 55.43 -30.34 -25.13
CA ALA B 431 55.48 -31.53 -24.26
C ALA B 431 55.84 -32.76 -25.07
N ALA B 432 55.24 -32.91 -26.25
CA ALA B 432 55.58 -34.04 -27.11
C ALA B 432 57.06 -34.05 -27.46
N GLU B 433 57.59 -32.89 -27.88
CA GLU B 433 59.02 -32.79 -28.15
C GLU B 433 59.84 -33.23 -26.95
N LYS B 434 59.41 -32.83 -25.75
CA LYS B 434 60.08 -33.30 -24.54
C LYS B 434 60.06 -34.82 -24.45
N LEU B 435 58.93 -35.44 -24.79
CA LEU B 435 58.78 -36.88 -24.73
C LEU B 435 59.14 -37.57 -26.04
N GLY B 436 59.55 -36.82 -27.05
CA GLY B 436 59.95 -37.41 -28.32
C GLY B 436 58.84 -38.17 -29.02
N GLU B 437 57.68 -37.54 -29.17
CA GLU B 437 56.55 -38.17 -29.87
C GLU B 437 55.75 -37.09 -30.59
N THR B 438 56.45 -36.18 -31.28
CA THR B 438 55.77 -35.07 -31.93
C THR B 438 55.01 -35.52 -33.17
N GLU B 439 55.62 -36.38 -33.98
CA GLU B 439 54.97 -36.84 -35.21
C GLU B 439 53.63 -37.49 -34.92
N LYS B 440 53.48 -38.15 -33.76
CA LYS B 440 52.20 -38.73 -33.40
C LYS B 440 51.13 -37.65 -33.25
N LEU B 441 51.46 -36.57 -32.56
CA LEU B 441 50.51 -35.47 -32.41
C LEU B 441 50.21 -34.82 -33.76
N SER B 442 51.22 -34.71 -34.62
CA SER B 442 50.99 -34.14 -35.94
C SER B 442 50.03 -35.02 -36.75
N ILE B 443 50.21 -36.33 -36.70
CA ILE B 443 49.32 -37.24 -37.40
C ILE B 443 47.91 -37.18 -36.83
N MET B 444 47.81 -37.02 -35.50
CA MET B 444 46.49 -36.87 -34.88
C MET B 444 45.80 -35.61 -35.36
N ILE B 445 46.53 -34.49 -35.41
CA ILE B 445 45.94 -33.24 -35.87
C ILE B 445 45.58 -33.33 -37.35
N GLU B 446 46.32 -34.12 -38.13
CA GLU B 446 45.98 -34.31 -39.53
C GLU B 446 44.73 -35.16 -39.68
N GLU B 447 44.60 -36.21 -38.87
CA GLU B 447 43.41 -37.05 -38.93
C GLU B 447 42.16 -36.28 -38.52
N CYS B 448 42.26 -35.51 -37.42
CA CYS B 448 41.13 -34.69 -37.00
C CYS B 448 40.80 -33.60 -38.00
N GLY B 449 41.66 -33.34 -38.98
CA GLY B 449 41.47 -32.25 -39.91
C GLY B 449 42.00 -30.91 -39.45
N GLY B 450 42.80 -30.89 -38.38
CA GLY B 450 43.28 -29.63 -37.85
C GLY B 450 44.39 -28.98 -38.63
N LEU B 451 45.13 -29.76 -39.43
CA LEU B 451 46.20 -29.19 -40.23
C LEU B 451 45.67 -28.18 -41.23
N ASP B 452 44.55 -28.50 -41.89
CA ASP B 452 43.97 -27.57 -42.85
C ASP B 452 43.48 -26.30 -42.16
N LYS B 453 42.86 -26.45 -40.99
CA LYS B 453 42.40 -25.28 -40.25
C LYS B 453 43.56 -24.40 -39.80
N ILE B 454 44.67 -25.02 -39.39
CA ILE B 454 45.84 -24.24 -38.97
C ILE B 454 46.45 -23.53 -40.16
N GLU B 455 46.53 -24.21 -41.31
CA GLU B 455 47.03 -23.55 -42.52
C GLU B 455 46.15 -22.37 -42.91
N ALA B 456 44.83 -22.54 -42.80
CA ALA B 456 43.92 -21.43 -43.11
C ALA B 456 44.12 -20.28 -42.14
N LEU B 457 44.27 -20.58 -40.85
CA LEU B 457 44.51 -19.53 -39.86
C LEU B 457 45.82 -18.81 -40.12
N GLN B 458 46.81 -19.50 -40.68
CA GLN B 458 48.06 -18.85 -41.04
C GLN B 458 47.81 -17.61 -41.90
N ARG B 459 46.76 -17.64 -42.72
CA ARG B 459 46.36 -16.48 -43.52
C ARG B 459 45.20 -15.79 -42.81
N HIS B 460 45.54 -14.92 -41.87
CA HIS B 460 44.55 -14.23 -41.06
C HIS B 460 45.02 -12.79 -40.82
N GLU B 461 44.10 -11.97 -40.32
CA GLU B 461 44.40 -10.57 -40.09
C GLU B 461 45.32 -10.40 -38.89
N ASN B 462 44.86 -10.82 -37.70
CA ASN B 462 45.65 -10.67 -36.49
C ASN B 462 47.06 -11.21 -36.68
N GLU B 463 48.05 -10.35 -36.45
CA GLU B 463 49.43 -10.74 -36.69
C GLU B 463 49.85 -11.89 -35.77
N SER B 464 49.49 -11.81 -34.49
CA SER B 464 49.91 -12.86 -33.56
C SER B 464 49.31 -14.20 -33.93
N VAL B 465 48.03 -14.21 -34.32
CA VAL B 465 47.39 -15.46 -34.72
C VAL B 465 48.06 -16.05 -35.96
N TYR B 466 48.25 -15.22 -36.98
CA TYR B 466 48.87 -15.70 -38.21
C TYR B 466 50.32 -16.12 -37.97
N LYS B 467 51.07 -15.34 -37.20
CA LYS B 467 52.45 -15.69 -36.93
C LYS B 467 52.57 -16.98 -36.13
N ALA B 468 51.68 -17.17 -35.15
CA ALA B 468 51.69 -18.41 -34.38
C ALA B 468 51.31 -19.60 -35.25
N SER B 469 50.33 -19.43 -36.15
CA SER B 469 49.97 -20.51 -37.06
C SER B 469 51.13 -20.83 -37.99
N LEU B 470 51.88 -19.80 -38.41
CA LEU B 470 53.04 -20.05 -39.26
C LEU B 470 54.13 -20.81 -38.51
N ASN B 471 54.40 -20.42 -37.26
CA ASN B 471 55.35 -21.17 -36.45
C ASN B 471 54.90 -22.61 -36.26
N LEU B 472 53.60 -22.83 -36.08
CA LEU B 472 53.07 -24.18 -35.94
C LEU B 472 53.30 -24.99 -37.21
N ILE B 473 52.95 -24.41 -38.36
CA ILE B 473 53.19 -25.09 -39.63
C ILE B 473 54.67 -25.41 -39.79
N GLU B 474 55.54 -24.51 -39.32
CA GLU B 474 56.97 -24.78 -39.39
C GLU B 474 57.34 -25.98 -38.53
N LYS B 475 56.81 -26.04 -37.29
CA LYS B 475 57.11 -27.16 -36.42
C LYS B 475 56.60 -28.48 -37.00
N TYR B 476 55.36 -28.49 -37.47
CA TYR B 476 54.77 -29.68 -38.04
C TYR B 476 55.50 -30.10 -39.33
N LYS C 1 -46.46 17.17 10.67
CA LYS C 1 -45.07 16.84 10.99
C LYS C 1 -44.66 15.52 10.36
N ARG C 2 -43.67 15.57 9.46
CA ARG C 2 -43.23 14.42 8.70
C ARG C 2 -41.72 14.29 8.79
N SER C 3 -41.22 13.11 8.44
CA SER C 3 -39.80 12.80 8.45
C SER C 3 -39.25 12.77 7.03
N ALA C 4 -37.94 12.60 6.92
CA ALA C 4 -37.29 12.57 5.61
C ALA C 4 -36.81 11.15 5.30
N GLN C 13 -23.46 12.17 0.41
CA GLN C 13 -23.10 13.07 1.51
C GLN C 13 -22.80 12.28 2.78
N ALA C 14 -23.59 11.24 3.04
CA ALA C 14 -23.37 10.43 4.23
C ALA C 14 -21.96 9.84 4.22
N THR C 15 -21.46 9.52 5.42
CA THR C 15 -20.14 8.93 5.53
C THR C 15 -20.09 7.61 4.75
N PRO C 16 -18.90 7.15 4.36
CA PRO C 16 -18.82 5.90 3.64
C PRO C 16 -19.27 4.74 4.52
N PRO C 17 -19.90 3.72 3.92
CA PRO C 17 -20.25 2.53 4.70
C PRO C 17 -19.04 1.63 4.93
N LYS C 18 -18.16 1.57 3.93
CA LYS C 18 -16.92 0.81 4.02
C LYS C 18 -15.81 1.63 3.38
N LYS C 19 -14.57 1.34 3.78
CA LYS C 19 -13.42 2.12 3.37
C LYS C 19 -12.29 1.22 2.88
N LYS C 20 -11.50 1.76 1.96
CA LYS C 20 -10.38 1.05 1.33
C LYS C 20 -10.71 -0.41 1.07
N LYS D 1 45.45 -15.84 -14.24
CA LYS D 1 44.07 -16.06 -13.82
C LYS D 1 43.16 -14.93 -14.33
N ARG D 2 41.95 -15.30 -14.73
CA ARG D 2 40.97 -14.36 -15.28
C ARG D 2 39.83 -14.15 -14.28
N SER D 3 39.15 -13.02 -14.43
CA SER D 3 38.07 -12.63 -13.54
C SER D 3 36.76 -12.57 -14.32
N ALA D 4 35.68 -12.25 -13.60
CA ALA D 4 34.35 -12.16 -14.20
C ALA D 4 33.98 -13.45 -14.93
N GLN D 13 20.48 -15.29 -10.63
CA GLN D 13 20.45 -13.84 -10.81
C GLN D 13 20.85 -13.11 -9.54
N ALA D 14 21.66 -12.06 -9.70
CA ALA D 14 22.07 -11.25 -8.57
C ALA D 14 20.85 -10.71 -7.83
N THR D 15 21.01 -10.52 -6.53
CA THR D 15 19.94 -9.98 -5.70
C THR D 15 19.46 -8.67 -6.31
N PRO D 16 18.21 -8.28 -6.07
CA PRO D 16 17.70 -7.04 -6.69
C PRO D 16 18.38 -5.82 -6.10
N PRO D 17 18.98 -4.97 -6.94
CA PRO D 17 19.57 -3.73 -6.39
C PRO D 17 18.56 -2.87 -5.67
N LYS D 18 17.31 -2.81 -6.15
CA LYS D 18 16.24 -2.06 -5.52
C LYS D 18 14.98 -2.91 -5.48
N LYS D 19 14.17 -2.69 -4.45
CA LYS D 19 12.96 -3.47 -4.22
C LYS D 19 11.75 -2.57 -4.14
N LYS D 20 10.62 -3.08 -4.62
CA LYS D 20 9.34 -2.37 -4.59
C LYS D 20 9.49 -0.95 -5.13
#